data_8CH4
#
_entry.id   8CH4
#
_cell.length_a   50.427
_cell.length_b   143.173
_cell.length_c   60.076
_cell.angle_alpha   90.00
_cell.angle_beta   107.33
_cell.angle_gamma   90.00
#
_symmetry.space_group_name_H-M   'P 1 21 1'
#
loop_
_entity.id
_entity.type
_entity.pdbx_description
1 polymer '5-nitrosalicylic acid 1,2-dioxygenase'
2 non-polymer 'FE (III) ION'
3 water water
#
_entity_poly.entity_id   1
_entity_poly.type   'polypeptide(L)'
_entity_poly.pdbx_seq_one_letter_code
;(FME)MKWSNKDGYPWSKIIHAEKFFDKVIQNDTRPGKWEWADVVSGLRDLDKDPRMNSERRYVAIVNEDVGLGETKGIG
ITPGLFCGCQLIHPGEEVTSHRHNSVALYFIVEGTGELEVEGEVYSYKPFDIMTCPAWSYHAWRATGDKDTLMYVIHDMA
LLAYMRALFWEEPKGSENIRHMVKGSTHTWSNTKAPEVSKTQAAKELLKQGE
;
_entity_poly.pdbx_strand_id   A,B,C,D
#
loop_
_chem_comp.id
_chem_comp.type
_chem_comp.name
_chem_comp.formula
FE non-polymer 'FE (III) ION' 'Fe 3'
#
# COMPACT_ATOMS: atom_id res chain seq x y z
N FME A 1 -2.72 11.77 -21.80
CN FME A 1 -2.17 12.78 -22.51
O1 FME A 1 -1.30 12.67 -23.37
CA FME A 1 -3.46 11.98 -20.56
CB FME A 1 -2.56 12.53 -19.44
CG FME A 1 -3.26 12.72 -18.12
SD FME A 1 -2.55 11.63 -16.86
CE FME A 1 -2.03 10.25 -17.89
C FME A 1 -4.80 12.69 -20.75
O FME A 1 -5.80 12.00 -20.92
N MET A 2 -4.83 14.03 -20.72
CA MET A 2 -6.11 14.75 -20.65
C MET A 2 -6.02 16.17 -21.21
N LYS A 3 -7.13 16.62 -21.80
CA LYS A 3 -7.31 18.03 -22.12
C LYS A 3 -8.18 18.64 -21.03
N TRP A 4 -7.60 19.60 -20.31
CA TRP A 4 -8.26 20.22 -19.17
C TRP A 4 -7.91 21.70 -19.17
N SER A 5 -8.64 22.47 -18.35
CA SER A 5 -8.45 23.90 -18.24
C SER A 5 -8.40 24.31 -16.76
N ASN A 6 -7.35 25.05 -16.37
CA ASN A 6 -7.34 25.71 -15.06
C ASN A 6 -7.75 27.18 -15.19
N LYS A 7 -8.35 27.57 -16.33
CA LYS A 7 -8.61 28.98 -16.58
C LYS A 7 -9.82 29.47 -15.78
N ASP A 8 -10.60 28.54 -15.18
CA ASP A 8 -11.64 28.89 -14.23
C ASP A 8 -11.15 28.63 -12.80
N GLY A 9 -9.84 28.48 -12.62
CA GLY A 9 -9.26 28.15 -11.32
C GLY A 9 -9.31 26.65 -11.06
N TYR A 10 -9.43 26.25 -9.79
CA TYR A 10 -9.28 24.87 -9.37
C TYR A 10 -10.40 24.50 -8.42
N PRO A 11 -11.68 24.58 -8.84
CA PRO A 11 -12.80 24.31 -7.93
C PRO A 11 -12.74 22.95 -7.21
N TRP A 12 -12.04 21.99 -7.80
CA TRP A 12 -11.90 20.64 -7.25
C TRP A 12 -10.86 20.58 -6.12
N SER A 13 -9.92 21.54 -6.08
CA SER A 13 -8.93 21.57 -5.02
C SER A 13 -9.51 22.29 -3.78
N LYS A 14 -9.97 21.54 -2.78
CA LYS A 14 -10.71 22.18 -1.70
C LYS A 14 -9.96 22.09 -0.37
N ILE A 15 -10.57 22.70 0.65
CA ILE A 15 -10.10 22.68 2.02
C ILE A 15 -11.30 22.39 2.93
N ILE A 16 -11.31 21.24 3.60
CA ILE A 16 -12.50 20.84 4.35
C ILE A 16 -12.22 20.78 5.86
N HIS A 17 -13.31 20.88 6.64
CA HIS A 17 -13.27 20.83 8.09
C HIS A 17 -12.96 19.40 8.57
N ALA A 18 -12.17 19.28 9.64
CA ALA A 18 -11.79 17.99 10.19
C ALA A 18 -12.99 17.08 10.43
N GLU A 19 -14.15 17.65 10.79
CA GLU A 19 -15.34 16.81 11.00
C GLU A 19 -15.78 16.16 9.69
N LYS A 20 -15.62 16.87 8.56
CA LYS A 20 -16.01 16.26 7.30
C LYS A 20 -14.95 15.23 6.88
N PHE A 21 -13.66 15.55 7.10
CA PHE A 21 -12.63 14.58 6.80
C PHE A 21 -12.82 13.29 7.60
N PHE A 22 -12.93 13.43 8.93
CA PHE A 22 -13.05 12.31 9.84
C PHE A 22 -14.30 11.49 9.52
N ASP A 23 -15.43 12.18 9.27
CA ASP A 23 -16.69 11.55 8.89
C ASP A 23 -16.57 10.74 7.60
N LYS A 24 -15.76 11.19 6.62
CA LYS A 24 -15.60 10.46 5.38
C LYS A 24 -14.58 9.34 5.51
N VAL A 25 -13.60 9.46 6.43
CA VAL A 25 -12.45 8.56 6.44
C VAL A 25 -12.75 7.27 7.21
N ILE A 26 -13.51 7.37 8.31
CA ILE A 26 -13.74 6.20 9.14
C ILE A 26 -14.80 5.33 8.47
N GLN A 27 -14.55 4.01 8.41
CA GLN A 27 -15.38 3.08 7.65
C GLN A 27 -16.19 2.23 8.59
N ASN A 28 -17.28 1.65 8.07
CA ASN A 28 -17.93 0.53 8.73
C ASN A 28 -16.98 -0.67 8.76
N ASP A 29 -17.18 -1.50 9.77
CA ASP A 29 -16.55 -2.81 9.83
C ASP A 29 -17.20 -3.73 8.79
N THR A 30 -16.49 -4.78 8.43
CA THR A 30 -16.90 -5.72 7.40
C THR A 30 -17.16 -7.07 8.07
N ARG A 31 -18.35 -7.63 7.83
CA ARG A 31 -18.67 -8.98 8.26
C ARG A 31 -17.70 -9.96 7.59
N PRO A 32 -17.38 -11.14 8.19
CA PRO A 32 -16.55 -12.13 7.51
C PRO A 32 -17.25 -12.58 6.23
N GLY A 33 -16.45 -12.83 5.18
CA GLY A 33 -16.94 -13.43 3.94
C GLY A 33 -16.72 -14.95 3.91
N LYS A 34 -17.69 -15.66 3.30
CA LYS A 34 -17.57 -17.07 2.99
C LYS A 34 -18.15 -17.33 1.61
N TRP A 35 -17.40 -18.08 0.79
CA TRP A 35 -17.80 -18.46 -0.54
C TRP A 35 -17.56 -19.96 -0.72
N GLU A 36 -18.49 -20.62 -1.45
CA GLU A 36 -18.45 -22.05 -1.72
C GLU A 36 -18.08 -22.31 -3.18
N TRP A 37 -17.20 -23.31 -3.36
CA TRP A 37 -16.64 -23.64 -4.65
C TRP A 37 -17.73 -23.95 -5.68
N ALA A 38 -18.77 -24.67 -5.26
CA ALA A 38 -19.85 -25.03 -6.16
C ALA A 38 -20.44 -23.79 -6.84
N ASP A 39 -20.64 -22.72 -6.06
CA ASP A 39 -21.19 -21.46 -6.58
C ASP A 39 -20.22 -20.77 -7.53
N VAL A 40 -18.91 -20.87 -7.25
CA VAL A 40 -17.89 -20.31 -8.11
C VAL A 40 -17.90 -21.09 -9.42
N VAL A 41 -18.06 -22.42 -9.31
CA VAL A 41 -18.03 -23.28 -10.47
C VAL A 41 -19.31 -23.10 -11.30
N SER A 42 -20.43 -22.86 -10.62
CA SER A 42 -21.70 -22.60 -11.25
C SER A 42 -21.62 -21.28 -12.02
N GLY A 43 -21.12 -20.23 -11.34
CA GLY A 43 -20.95 -18.93 -11.98
C GLY A 43 -20.18 -19.01 -13.30
N LEU A 44 -19.04 -19.67 -13.27
CA LEU A 44 -18.09 -19.66 -14.37
C LEU A 44 -18.66 -20.46 -15.54
N ARG A 45 -19.37 -21.54 -15.22
CA ARG A 45 -19.91 -22.43 -16.25
C ARG A 45 -21.12 -21.74 -16.87
N ASP A 46 -21.67 -20.78 -16.13
CA ASP A 46 -22.74 -19.95 -16.67
C ASP A 46 -22.20 -19.04 -17.77
N LEU A 47 -20.91 -18.67 -17.70
CA LEU A 47 -20.32 -17.73 -18.66
C LEU A 47 -20.30 -18.30 -20.08
N ASP A 48 -20.35 -19.64 -20.19
CA ASP A 48 -20.28 -20.34 -21.46
C ASP A 48 -21.61 -20.25 -22.21
N LYS A 49 -22.68 -19.83 -21.53
CA LYS A 49 -23.98 -19.64 -22.17
C LYS A 49 -23.95 -18.43 -23.10
N ASP A 50 -23.07 -17.45 -22.82
CA ASP A 50 -22.91 -16.28 -23.67
C ASP A 50 -22.14 -16.67 -24.94
N PRO A 51 -22.72 -16.43 -26.13
CA PRO A 51 -22.03 -16.68 -27.40
C PRO A 51 -20.72 -15.89 -27.51
N ARG A 52 -20.71 -14.71 -26.87
CA ARG A 52 -19.59 -13.79 -26.99
C ARG A 52 -18.44 -14.21 -26.08
N MET A 53 -18.50 -15.43 -25.52
CA MET A 53 -17.57 -15.87 -24.49
C MET A 53 -16.37 -16.57 -25.12
N ASN A 54 -15.18 -16.24 -24.62
CA ASN A 54 -13.97 -17.01 -24.88
C ASN A 54 -13.12 -17.10 -23.61
N SER A 55 -11.93 -17.71 -23.72
CA SER A 55 -11.08 -18.10 -22.61
C SER A 55 -10.52 -16.90 -21.85
N GLU A 56 -10.29 -15.79 -22.57
CA GLU A 56 -9.61 -14.61 -22.05
C GLU A 56 -10.58 -13.78 -21.18
N ARG A 57 -11.88 -13.98 -21.38
CA ARG A 57 -12.90 -13.16 -20.72
C ARG A 57 -13.68 -14.00 -19.70
N ARG A 58 -13.19 -15.20 -19.35
CA ARG A 58 -13.95 -16.12 -18.51
C ARG A 58 -13.41 -16.10 -17.06
N TYR A 59 -13.48 -14.92 -16.42
CA TYR A 59 -13.24 -14.75 -14.99
C TYR A 59 -14.50 -14.30 -14.26
N VAL A 60 -14.68 -14.78 -13.03
CA VAL A 60 -15.56 -14.10 -12.08
C VAL A 60 -14.66 -13.54 -10.99
N ALA A 61 -15.14 -12.48 -10.30
CA ALA A 61 -14.42 -11.94 -9.16
C ALA A 61 -15.17 -12.27 -7.88
N ILE A 62 -14.40 -12.57 -6.83
CA ILE A 62 -14.96 -13.00 -5.56
C ILE A 62 -14.93 -11.78 -4.63
N VAL A 63 -16.11 -11.30 -4.22
CA VAL A 63 -16.13 -9.98 -3.58
C VAL A 63 -16.87 -10.04 -2.25
N ASN A 64 -16.41 -9.21 -1.32
CA ASN A 64 -17.11 -8.94 -0.07
C ASN A 64 -17.63 -7.50 -0.09
N GLU A 65 -18.94 -7.35 -0.30
CA GLU A 65 -19.55 -6.06 -0.56
C GLU A 65 -19.44 -5.11 0.63
N ASP A 66 -19.31 -5.65 1.85
CA ASP A 66 -19.17 -4.85 3.07
C ASP A 66 -17.92 -4.00 2.98
N VAL A 67 -16.96 -4.40 2.13
CA VAL A 67 -15.61 -3.86 2.12
C VAL A 67 -15.58 -2.48 1.44
N GLY A 68 -16.70 -2.10 0.80
CA GLY A 68 -16.78 -0.85 0.05
C GLY A 68 -16.61 0.40 0.93
N LEU A 69 -16.28 1.54 0.29
CA LEU A 69 -16.22 2.81 1.01
C LEU A 69 -17.65 3.30 1.28
N GLY A 70 -17.83 3.93 2.44
CA GLY A 70 -19.14 4.43 2.85
C GLY A 70 -20.20 3.33 2.79
N GLU A 71 -21.29 3.61 2.08
CA GLU A 71 -22.36 2.64 1.96
C GLU A 71 -22.23 1.85 0.65
N THR A 72 -21.20 2.17 -0.15
CA THR A 72 -21.01 1.59 -1.46
C THR A 72 -20.63 0.11 -1.35
N LYS A 73 -21.00 -0.68 -2.38
CA LYS A 73 -20.74 -2.10 -2.44
C LYS A 73 -19.30 -2.31 -2.90
N GLY A 74 -18.47 -2.97 -2.09
CA GLY A 74 -17.07 -3.11 -2.40
C GLY A 74 -16.84 -4.16 -3.51
N ILE A 75 -15.59 -4.25 -4.01
CA ILE A 75 -15.22 -5.24 -5.01
C ILE A 75 -13.94 -6.00 -4.60
N GLY A 76 -13.37 -5.66 -3.44
CA GLY A 76 -12.28 -6.45 -2.89
C GLY A 76 -12.82 -7.67 -2.14
N ILE A 77 -11.97 -8.66 -1.90
CA ILE A 77 -12.41 -9.79 -1.10
C ILE A 77 -12.21 -9.42 0.37
N THR A 78 -11.12 -8.70 0.62
CA THR A 78 -10.97 -7.88 1.82
C THR A 78 -10.76 -6.46 1.32
N PRO A 79 -10.62 -5.43 2.19
CA PRO A 79 -10.31 -4.07 1.72
C PRO A 79 -9.12 -3.98 0.76
N GLY A 80 -7.99 -4.61 1.10
CA GLY A 80 -6.78 -4.46 0.32
C GLY A 80 -6.39 -5.70 -0.51
N LEU A 81 -7.22 -6.75 -0.50
CA LEU A 81 -6.94 -7.92 -1.33
C LEU A 81 -8.07 -8.18 -2.33
N PHE A 82 -7.66 -8.66 -3.52
CA PHE A 82 -8.55 -8.89 -4.64
C PHE A 82 -8.30 -10.27 -5.24
N CYS A 83 -9.39 -10.89 -5.67
CA CYS A 83 -9.40 -12.32 -5.94
C CYS A 83 -10.47 -12.65 -6.97
N GLY A 84 -10.04 -13.45 -7.96
CA GLY A 84 -10.92 -13.89 -9.01
C GLY A 84 -10.65 -15.35 -9.34
N CYS A 85 -11.63 -15.99 -10.00
CA CYS A 85 -11.43 -17.35 -10.45
C CYS A 85 -11.62 -17.41 -11.95
N GLN A 86 -10.96 -18.37 -12.60
CA GLN A 86 -10.96 -18.40 -14.04
C GLN A 86 -11.11 -19.83 -14.53
N LEU A 87 -11.92 -20.01 -15.59
CA LEU A 87 -12.09 -21.30 -16.26
C LEU A 87 -11.47 -21.28 -17.65
N ILE A 88 -10.65 -22.32 -17.95
CA ILE A 88 -10.06 -22.48 -19.27
C ILE A 88 -10.30 -23.92 -19.71
N HIS A 89 -10.97 -24.05 -20.86
CA HIS A 89 -11.32 -25.33 -21.43
C HIS A 89 -10.09 -25.90 -22.12
N PRO A 90 -9.90 -27.24 -22.13
CA PRO A 90 -8.71 -27.83 -22.76
C PRO A 90 -8.64 -27.38 -24.21
N GLY A 91 -7.45 -26.93 -24.64
CA GLY A 91 -7.29 -26.53 -26.02
C GLY A 91 -7.45 -25.03 -26.22
N GLU A 92 -7.97 -24.34 -25.20
CA GLU A 92 -8.06 -22.90 -25.27
C GLU A 92 -6.72 -22.29 -24.92
N GLU A 93 -6.52 -21.08 -25.44
CA GLU A 93 -5.32 -20.29 -25.21
C GLU A 93 -5.73 -18.95 -24.63
N VAL A 94 -4.98 -18.47 -23.63
CA VAL A 94 -4.96 -17.06 -23.26
C VAL A 94 -3.64 -16.50 -23.78
N THR A 95 -3.72 -15.64 -24.80
CA THR A 95 -2.52 -15.23 -25.54
C THR A 95 -1.64 -14.29 -24.70
N SER A 96 -0.39 -14.10 -25.14
CA SER A 96 0.57 -13.29 -24.41
C SER A 96 0.00 -11.91 -24.09
N HIS A 97 0.26 -11.45 -22.86
CA HIS A 97 -0.07 -10.08 -22.48
C HIS A 97 0.79 -9.70 -21.28
N ARG A 98 0.77 -8.42 -20.91
CA ARG A 98 1.40 -8.00 -19.67
C ARG A 98 0.62 -6.85 -19.04
N HIS A 99 0.81 -6.68 -17.73
CA HIS A 99 0.21 -5.63 -16.91
C HIS A 99 1.11 -5.49 -15.71
N ASN A 100 1.14 -4.30 -15.12
CA ASN A 100 2.07 -4.07 -14.02
C ASN A 100 1.47 -4.54 -12.70
N SER A 101 0.19 -4.93 -12.72
CA SER A 101 -0.42 -5.72 -11.66
CA SER A 101 -0.42 -5.72 -11.66
C SER A 101 0.17 -7.12 -11.68
N VAL A 102 0.58 -7.62 -10.51
CA VAL A 102 1.07 -8.99 -10.39
C VAL A 102 -0.15 -9.89 -10.21
N ALA A 103 -0.01 -11.19 -10.51
CA ALA A 103 -1.03 -12.21 -10.29
C ALA A 103 -0.43 -13.45 -9.64
N LEU A 104 -1.20 -14.06 -8.72
CA LEU A 104 -0.82 -15.23 -7.94
C LEU A 104 -1.84 -16.33 -8.21
N TYR A 105 -1.35 -17.43 -8.78
CA TYR A 105 -2.26 -18.42 -9.30
C TYR A 105 -2.13 -19.73 -8.51
N PHE A 106 -3.31 -20.31 -8.24
CA PHE A 106 -3.42 -21.59 -7.56
C PHE A 106 -4.31 -22.52 -8.38
N ILE A 107 -3.79 -23.68 -8.79
CA ILE A 107 -4.52 -24.53 -9.71
C ILE A 107 -5.49 -25.40 -8.93
N VAL A 108 -6.80 -25.11 -9.05
CA VAL A 108 -7.77 -25.90 -8.32
C VAL A 108 -8.04 -27.19 -9.09
N GLU A 109 -8.32 -27.07 -10.40
CA GLU A 109 -8.49 -28.23 -11.26
C GLU A 109 -7.74 -27.99 -12.57
N GLY A 110 -7.54 -29.06 -13.33
CA GLY A 110 -7.05 -28.98 -14.69
C GLY A 110 -5.52 -29.13 -14.74
N THR A 111 -5.00 -29.23 -15.97
CA THR A 111 -3.58 -29.24 -16.28
C THR A 111 -3.37 -28.36 -17.51
N GLY A 112 -2.10 -28.01 -17.79
CA GLY A 112 -1.78 -27.21 -18.95
C GLY A 112 -0.34 -26.74 -18.91
N GLU A 113 -0.08 -25.67 -19.67
CA GLU A 113 1.21 -25.00 -19.58
C GLU A 113 1.03 -23.50 -19.35
N LEU A 114 1.99 -22.94 -18.62
CA LEU A 114 2.08 -21.50 -18.43
C LEU A 114 3.40 -21.01 -19.01
N GLU A 115 3.32 -19.96 -19.84
CA GLU A 115 4.51 -19.38 -20.42
C GLU A 115 4.68 -17.96 -19.86
N VAL A 116 5.89 -17.69 -19.37
CA VAL A 116 6.24 -16.37 -18.88
C VAL A 116 7.65 -16.07 -19.38
N GLU A 117 7.76 -14.96 -20.10
CA GLU A 117 9.03 -14.45 -20.59
C GLU A 117 9.83 -15.59 -21.22
N GLY A 118 9.16 -16.33 -22.11
CA GLY A 118 9.79 -17.32 -22.97
C GLY A 118 9.95 -18.71 -22.35
N GLU A 119 9.52 -18.94 -21.10
CA GLU A 119 9.75 -20.24 -20.50
C GLU A 119 8.41 -20.89 -20.18
N VAL A 120 8.30 -22.18 -20.50
CA VAL A 120 7.08 -22.96 -20.32
C VAL A 120 7.18 -23.80 -19.06
N TYR A 121 6.07 -23.93 -18.34
CA TYR A 121 5.96 -24.87 -17.24
C TYR A 121 4.61 -25.58 -17.38
N SER A 122 4.59 -26.89 -17.08
CA SER A 122 3.40 -27.71 -17.22
C SER A 122 2.76 -27.89 -15.85
N TYR A 123 1.53 -27.44 -15.73
CA TYR A 123 0.97 -27.31 -14.40
C TYR A 123 0.01 -28.47 -14.17
N LYS A 124 -0.27 -28.72 -12.87
CA LYS A 124 -1.16 -29.75 -12.40
C LYS A 124 -1.87 -29.20 -11.16
N PRO A 125 -2.96 -29.82 -10.65
CA PRO A 125 -3.69 -29.27 -9.52
C PRO A 125 -2.81 -28.92 -8.31
N PHE A 126 -3.10 -27.77 -7.69
CA PHE A 126 -2.50 -27.34 -6.43
C PHE A 126 -1.05 -26.92 -6.66
N ASP A 127 -0.66 -26.71 -7.92
CA ASP A 127 0.52 -25.92 -8.21
C ASP A 127 0.21 -24.47 -7.85
N ILE A 128 1.27 -23.74 -7.50
CA ILE A 128 1.21 -22.32 -7.21
C ILE A 128 2.24 -21.64 -8.09
N MET A 129 1.81 -20.60 -8.81
CA MET A 129 2.69 -19.90 -9.74
C MET A 129 2.36 -18.41 -9.73
N THR A 130 3.40 -17.57 -9.85
CA THR A 130 3.21 -16.13 -10.00
C THR A 130 3.61 -15.68 -11.42
N CYS A 131 2.91 -14.64 -11.91
CA CYS A 131 3.26 -13.88 -13.10
C CYS A 131 3.72 -12.49 -12.66
N PRO A 132 5.04 -12.26 -12.46
CA PRO A 132 5.54 -10.97 -11.98
C PRO A 132 5.01 -9.77 -12.78
N ALA A 133 4.94 -8.62 -12.11
CA ALA A 133 4.55 -7.36 -12.70
C ALA A 133 5.25 -7.16 -14.05
N TRP A 134 4.44 -6.90 -15.09
CA TRP A 134 4.91 -6.53 -16.41
C TRP A 134 5.65 -7.68 -17.12
N SER A 135 5.51 -8.92 -16.63
CA SER A 135 6.03 -10.10 -17.33
C SER A 135 5.01 -10.59 -18.35
N TYR A 136 5.47 -10.94 -19.55
CA TYR A 136 4.58 -11.54 -20.54
C TYR A 136 4.27 -12.98 -20.10
N HIS A 137 2.97 -13.32 -20.11
CA HIS A 137 2.52 -14.61 -19.65
C HIS A 137 1.32 -15.05 -20.48
N ALA A 138 1.24 -16.37 -20.74
CA ALA A 138 0.19 -16.97 -21.55
C ALA A 138 -0.17 -18.36 -21.03
N TRP A 139 -1.44 -18.74 -21.24
CA TRP A 139 -1.96 -20.03 -20.81
C TRP A 139 -2.42 -20.89 -21.98
N ARG A 140 -2.31 -22.22 -21.82
CA ARG A 140 -2.99 -23.24 -22.63
C ARG A 140 -3.38 -24.42 -21.74
N ALA A 141 -4.69 -24.63 -21.59
CA ALA A 141 -5.24 -25.83 -20.98
C ALA A 141 -4.99 -27.07 -21.86
N THR A 142 -4.60 -28.18 -21.21
CA THR A 142 -4.42 -29.49 -21.81
C THR A 142 -5.25 -30.52 -21.04
N GLY A 143 -5.29 -31.77 -21.54
CA GLY A 143 -5.94 -32.87 -20.85
C GLY A 143 -7.44 -32.88 -21.10
N ASP A 144 -8.20 -33.52 -20.21
CA ASP A 144 -9.62 -33.75 -20.48
C ASP A 144 -10.50 -33.03 -19.47
N LYS A 145 -9.88 -32.33 -18.51
CA LYS A 145 -10.63 -31.53 -17.55
C LYS A 145 -10.31 -30.05 -17.73
N ASP A 146 -11.35 -29.21 -17.60
CA ASP A 146 -11.18 -27.76 -17.51
C ASP A 146 -10.13 -27.40 -16.46
N THR A 147 -9.31 -26.39 -16.78
CA THR A 147 -8.51 -25.71 -15.79
C THR A 147 -9.37 -24.70 -15.03
N LEU A 148 -9.46 -24.83 -13.70
CA LEU A 148 -10.02 -23.78 -12.85
C LEU A 148 -8.94 -23.32 -11.88
N MET A 149 -8.76 -21.99 -11.81
CA MET A 149 -7.72 -21.34 -11.01
C MET A 149 -8.29 -20.31 -10.02
N TYR A 150 -7.63 -20.18 -8.88
CA TYR A 150 -7.95 -19.24 -7.81
C TYR A 150 -6.83 -18.21 -7.78
N VAL A 151 -7.18 -16.95 -8.02
CA VAL A 151 -6.18 -15.98 -8.42
C VAL A 151 -6.25 -14.77 -7.49
N ILE A 152 -5.07 -14.35 -7.03
CA ILE A 152 -4.94 -13.17 -6.22
C ILE A 152 -4.13 -12.16 -7.04
N HIS A 153 -4.60 -10.91 -7.06
CA HIS A 153 -4.01 -9.86 -7.87
C HIS A 153 -4.20 -8.51 -7.16
N ASP A 154 -3.37 -7.55 -7.56
CA ASP A 154 -3.35 -6.21 -6.99
C ASP A 154 -3.74 -5.21 -8.07
N MET A 155 -4.35 -5.72 -9.15
CA MET A 155 -4.83 -4.85 -10.20
C MET A 155 -5.60 -3.68 -9.59
N ALA A 156 -6.49 -3.97 -8.64
CA ALA A 156 -7.34 -2.94 -8.07
C ALA A 156 -6.54 -1.86 -7.31
N LEU A 157 -5.50 -2.24 -6.53
CA LEU A 157 -4.70 -1.23 -5.83
C LEU A 157 -4.16 -0.21 -6.82
N LEU A 158 -3.57 -0.70 -7.91
CA LEU A 158 -2.94 0.18 -8.89
C LEU A 158 -4.00 1.01 -9.61
N ALA A 159 -5.15 0.42 -9.93
CA ALA A 159 -6.26 1.14 -10.56
C ALA A 159 -6.64 2.37 -9.73
N TYR A 160 -6.76 2.19 -8.40
CA TYR A 160 -7.20 3.21 -7.47
C TYR A 160 -6.19 4.36 -7.36
N MET A 161 -4.89 4.03 -7.51
CA MET A 161 -3.81 5.02 -7.47
C MET A 161 -3.61 5.59 -8.87
N ARG A 162 -4.36 5.07 -9.84
CA ARG A 162 -4.20 5.40 -11.25
C ARG A 162 -2.78 5.11 -11.72
N ALA A 163 -2.20 3.98 -11.29
CA ALA A 163 -0.87 3.64 -11.78
C ALA A 163 -0.87 2.30 -12.52
N LEU A 164 -2.06 1.83 -12.93
CA LEU A 164 -2.15 0.56 -13.63
C LEU A 164 -1.87 0.75 -15.12
N PHE A 165 -0.96 -0.06 -15.65
CA PHE A 165 -0.74 -0.25 -17.08
C PHE A 165 -1.04 -1.69 -17.52
N TRP A 166 -1.65 -1.81 -18.71
CA TRP A 166 -2.05 -3.08 -19.30
C TRP A 166 -1.66 -3.08 -20.78
N GLU A 167 -1.28 -4.25 -21.27
CA GLU A 167 -0.87 -4.37 -22.67
C GLU A 167 -1.38 -5.71 -23.15
N GLU A 168 -2.55 -5.66 -23.79
CA GLU A 168 -3.26 -6.78 -24.34
C GLU A 168 -3.92 -6.29 -25.63
N PRO A 169 -3.77 -6.99 -26.77
CA PRO A 169 -2.75 -8.04 -26.92
C PRO A 169 -1.31 -7.50 -26.84
N LYS A 170 -0.34 -8.42 -26.90
CA LYS A 170 1.08 -8.10 -26.97
C LYS A 170 1.31 -7.04 -28.03
N GLY A 171 2.27 -6.14 -27.78
CA GLY A 171 2.61 -5.03 -28.68
C GLY A 171 2.51 -3.66 -28.00
N SER A 172 3.60 -2.89 -28.11
CA SER A 172 3.72 -1.58 -27.48
C SER A 172 2.54 -0.65 -27.77
N GLU A 173 1.94 -0.75 -28.95
CA GLU A 173 0.83 0.12 -29.31
C GLU A 173 -0.40 -0.19 -28.47
N ASN A 174 -0.34 -1.28 -27.69
CA ASN A 174 -1.50 -1.72 -26.94
C ASN A 174 -1.47 -1.28 -25.48
N ILE A 175 -0.32 -0.74 -25.05
CA ILE A 175 -0.13 -0.25 -23.69
C ILE A 175 -1.15 0.83 -23.34
N ARG A 176 -1.69 0.75 -22.14
CA ARG A 176 -2.64 1.74 -21.72
C ARG A 176 -2.42 2.04 -20.26
N HIS A 177 -2.37 3.33 -19.96
CA HIS A 177 -2.69 3.82 -18.65
C HIS A 177 -4.19 3.58 -18.45
N MET A 178 -4.54 2.80 -17.42
CA MET A 178 -5.88 2.30 -17.19
C MET A 178 -6.71 3.27 -16.35
N VAL A 179 -7.30 4.26 -17.04
CA VAL A 179 -8.22 5.22 -16.44
C VAL A 179 -9.42 5.36 -17.38
N LYS A 180 -10.60 5.69 -16.85
CA LYS A 180 -11.85 5.71 -17.61
C LYS A 180 -11.65 6.33 -19.01
N FME B 1 6.01 2.64 23.70
CN FME B 1 5.76 1.86 24.72
O1 FME B 1 6.56 1.10 25.26
CA FME B 1 7.03 2.47 22.67
CB FME B 1 7.07 3.73 21.82
CG FME B 1 7.35 3.46 20.39
SD FME B 1 5.78 3.07 19.61
CE FME B 1 6.26 3.24 17.89
C FME B 1 8.46 2.12 23.11
O FME B 1 8.89 0.97 23.00
N MET B 2 9.24 3.12 23.52
CA MET B 2 10.68 2.96 23.61
C MET B 2 11.28 4.06 24.48
N LYS B 3 12.38 3.73 25.18
CA LYS B 3 13.28 4.71 25.77
C LYS B 3 14.37 4.98 24.73
N TRP B 4 14.56 6.26 24.39
CA TRP B 4 15.49 6.67 23.37
C TRP B 4 16.02 8.04 23.73
N SER B 5 17.23 8.36 23.24
CA SER B 5 17.81 9.68 23.47
C SER B 5 17.97 10.41 22.14
N ASN B 6 17.69 11.72 22.18
CA ASN B 6 18.05 12.67 21.13
C ASN B 6 19.19 13.57 21.65
N LYS B 7 19.70 13.26 22.84
CA LYS B 7 20.69 14.10 23.49
C LYS B 7 21.93 14.19 22.60
N ASP B 8 22.15 13.18 21.76
CA ASP B 8 23.28 13.19 20.86
C ASP B 8 22.84 13.73 19.49
N GLY B 9 21.62 14.27 19.42
CA GLY B 9 21.09 14.73 18.13
C GLY B 9 20.47 13.58 17.33
N TYR B 10 20.44 13.73 16.00
CA TYR B 10 19.63 12.83 15.21
C TYR B 10 20.47 12.21 14.10
N PRO B 11 21.59 11.52 14.42
CA PRO B 11 22.51 11.01 13.39
C PRO B 11 21.84 10.17 12.30
N TRP B 12 20.70 9.55 12.62
CA TRP B 12 19.99 8.66 11.71
C TRP B 12 19.11 9.43 10.74
N SER B 13 18.89 10.73 11.00
CA SER B 13 18.09 11.59 10.15
C SER B 13 19.00 12.25 9.12
N LYS B 14 19.04 11.69 7.92
CA LYS B 14 20.03 12.17 6.98
C LYS B 14 19.36 12.80 5.76
N ILE B 15 20.23 13.35 4.91
CA ILE B 15 19.92 13.91 3.62
C ILE B 15 20.88 13.24 2.64
N ILE B 16 20.34 12.60 1.60
CA ILE B 16 21.21 11.82 0.72
C ILE B 16 21.16 12.33 -0.73
N HIS B 17 22.27 12.09 -1.46
CA HIS B 17 22.45 12.41 -2.87
C HIS B 17 21.40 11.67 -3.69
N ALA B 18 20.86 12.33 -4.72
CA ALA B 18 19.95 11.71 -5.68
C ALA B 18 20.52 10.40 -6.24
N GLU B 19 21.83 10.38 -6.53
CA GLU B 19 22.45 9.15 -7.03
C GLU B 19 22.24 8.01 -6.03
N LYS B 20 22.43 8.29 -4.75
CA LYS B 20 22.33 7.25 -3.74
C LYS B 20 20.89 6.78 -3.57
N PHE B 21 19.92 7.70 -3.49
CA PHE B 21 18.53 7.29 -3.42
C PHE B 21 18.21 6.30 -4.54
N PHE B 22 18.61 6.67 -5.77
CA PHE B 22 18.20 5.96 -6.97
C PHE B 22 18.84 4.57 -7.03
N ASP B 23 20.11 4.49 -6.65
CA ASP B 23 20.82 3.23 -6.62
C ASP B 23 20.11 2.28 -5.67
N LYS B 24 19.48 2.82 -4.62
CA LYS B 24 18.92 2.00 -3.57
C LYS B 24 17.42 1.79 -3.79
N VAL B 25 16.79 2.64 -4.61
CA VAL B 25 15.34 2.53 -4.74
C VAL B 25 14.95 1.53 -5.84
N ILE B 26 15.79 1.45 -6.88
CA ILE B 26 15.51 0.58 -8.03
C ILE B 26 15.90 -0.86 -7.72
N GLN B 27 14.91 -1.75 -7.87
CA GLN B 27 15.07 -3.15 -7.55
C GLN B 27 15.43 -3.93 -8.80
N ASN B 28 15.93 -5.16 -8.58
CA ASN B 28 16.03 -6.16 -9.63
C ASN B 28 14.63 -6.66 -9.98
N ASP B 29 14.48 -7.15 -11.20
CA ASP B 29 13.28 -7.85 -11.59
C ASP B 29 13.25 -9.20 -10.87
N THR B 30 12.10 -9.87 -10.94
CA THR B 30 11.85 -11.07 -10.16
C THR B 30 11.42 -12.21 -11.08
N ARG B 31 12.21 -13.28 -11.12
CA ARG B 31 11.82 -14.50 -11.83
C ARG B 31 10.47 -15.00 -11.31
N PRO B 32 9.59 -15.55 -12.17
CA PRO B 32 8.32 -16.11 -11.72
C PRO B 32 8.61 -17.24 -10.72
N GLY B 33 7.69 -17.41 -9.77
CA GLY B 33 7.83 -18.44 -8.77
C GLY B 33 6.92 -19.61 -9.10
N LYS B 34 7.35 -20.81 -8.68
CA LYS B 34 6.56 -22.02 -8.83
C LYS B 34 6.80 -22.94 -7.62
N TRP B 35 5.70 -23.32 -6.97
CA TRP B 35 5.72 -24.19 -5.81
C TRP B 35 4.78 -25.35 -6.11
N GLU B 36 5.20 -26.56 -5.71
CA GLU B 36 4.38 -27.76 -5.88
C GLU B 36 3.75 -28.13 -4.55
N TRP B 37 2.47 -28.47 -4.57
CA TRP B 37 1.73 -28.78 -3.35
C TRP B 37 2.48 -29.79 -2.48
N ALA B 38 3.18 -30.71 -3.16
CA ALA B 38 3.86 -31.81 -2.49
C ALA B 38 5.00 -31.27 -1.63
N ASP B 39 5.61 -30.16 -2.04
CA ASP B 39 6.71 -29.61 -1.28
C ASP B 39 6.15 -28.94 -0.03
N VAL B 40 4.92 -28.43 -0.16
CA VAL B 40 4.25 -27.68 0.90
C VAL B 40 3.89 -28.67 1.99
N VAL B 41 3.18 -29.72 1.57
CA VAL B 41 2.69 -30.78 2.44
C VAL B 41 3.83 -31.52 3.12
N SER B 42 4.90 -31.82 2.38
CA SER B 42 6.10 -32.39 2.97
C SER B 42 6.63 -31.48 4.08
N GLY B 43 6.89 -30.21 3.74
CA GLY B 43 7.23 -29.17 4.70
C GLY B 43 6.36 -29.15 5.96
N LEU B 44 5.04 -29.27 5.78
CA LEU B 44 4.13 -29.20 6.91
C LEU B 44 4.23 -30.47 7.77
N ARG B 45 4.51 -31.63 7.16
CA ARG B 45 4.68 -32.89 7.90
C ARG B 45 5.91 -32.84 8.79
N ASP B 46 7.06 -32.45 8.22
CA ASP B 46 8.33 -32.32 8.93
C ASP B 46 8.13 -31.66 10.29
N LEU B 47 7.19 -30.71 10.37
CA LEU B 47 6.99 -29.89 11.56
C LEU B 47 6.49 -30.74 12.73
N ASP B 48 5.82 -31.86 12.42
CA ASP B 48 5.32 -32.76 13.45
C ASP B 48 6.45 -33.56 14.08
N LYS B 49 7.58 -33.72 13.39
CA LYS B 49 8.74 -34.42 13.94
C LYS B 49 9.25 -33.66 15.16
N ASP B 50 8.92 -32.36 15.23
CA ASP B 50 9.27 -31.55 16.38
C ASP B 50 8.27 -31.81 17.49
N PRO B 51 8.71 -32.26 18.69
CA PRO B 51 7.78 -32.52 19.79
C PRO B 51 7.19 -31.21 20.31
N ARG B 52 7.96 -30.11 20.15
CA ARG B 52 7.58 -28.77 20.59
C ARG B 52 6.79 -28.07 19.50
N MET B 53 5.80 -28.79 18.95
CA MET B 53 4.94 -28.29 17.89
C MET B 53 3.50 -28.60 18.26
N ASN B 54 2.60 -27.65 17.95
CA ASN B 54 1.17 -27.89 18.06
C ASN B 54 0.45 -27.11 16.97
N SER B 55 -0.89 -27.22 16.98
CA SER B 55 -1.76 -26.74 15.93
C SER B 55 -1.43 -25.32 15.49
N GLU B 56 -1.04 -24.49 16.46
CA GLU B 56 -1.01 -23.04 16.28
C GLU B 56 0.27 -22.61 15.58
N ARG B 57 1.32 -23.43 15.66
CA ARG B 57 2.60 -23.04 15.10
C ARG B 57 2.85 -23.73 13.75
N ARG B 58 1.80 -24.36 13.16
CA ARG B 58 2.01 -25.34 12.10
C ARG B 58 1.72 -24.77 10.71
N TYR B 59 2.58 -23.84 10.29
CA TYR B 59 2.40 -23.11 9.05
C TYR B 59 3.79 -22.96 8.42
N VAL B 60 3.80 -22.86 7.09
CA VAL B 60 4.99 -22.53 6.32
C VAL B 60 4.68 -21.28 5.50
N ALA B 61 5.74 -20.55 5.16
CA ALA B 61 5.60 -19.41 4.26
C ALA B 61 6.14 -19.79 2.88
N ILE B 62 5.29 -19.60 1.86
CA ILE B 62 5.66 -19.81 0.47
C ILE B 62 6.27 -18.50 -0.03
N VAL B 63 7.57 -18.54 -0.36
CA VAL B 63 8.29 -17.29 -0.62
C VAL B 63 8.96 -17.35 -1.99
N ASN B 64 9.14 -16.15 -2.60
CA ASN B 64 9.97 -15.98 -3.78
C ASN B 64 11.20 -15.15 -3.43
N GLU B 65 12.33 -15.82 -3.18
CA GLU B 65 13.54 -15.17 -2.68
C GLU B 65 13.98 -13.98 -3.53
N ASP B 66 13.68 -13.99 -4.84
CA ASP B 66 14.03 -12.89 -5.74
C ASP B 66 13.36 -11.58 -5.33
N VAL B 67 12.26 -11.67 -4.57
CA VAL B 67 11.38 -10.55 -4.29
C VAL B 67 12.01 -9.63 -3.25
N GLY B 68 13.20 -9.99 -2.73
CA GLY B 68 13.88 -9.19 -1.71
C GLY B 68 14.26 -7.80 -2.20
N LEU B 69 14.53 -6.89 -1.25
CA LEU B 69 15.03 -5.53 -1.53
C LEU B 69 16.55 -5.51 -1.45
N GLY B 70 17.20 -4.75 -2.33
CA GLY B 70 18.64 -4.85 -2.49
C GLY B 70 19.00 -6.27 -2.92
N GLU B 71 20.18 -6.75 -2.50
CA GLU B 71 20.56 -8.12 -2.79
C GLU B 71 20.27 -9.01 -1.58
N THR B 72 18.98 -9.17 -1.26
CA THR B 72 18.57 -9.92 -0.09
C THR B 72 17.43 -10.89 -0.42
N LYS B 73 17.26 -11.88 0.47
CA LYS B 73 16.24 -12.89 0.33
C LYS B 73 14.88 -12.27 0.66
N GLY B 74 13.95 -12.37 -0.31
CA GLY B 74 12.60 -11.88 -0.09
C GLY B 74 11.77 -12.85 0.73
N ILE B 75 10.66 -12.34 1.26
CA ILE B 75 9.82 -13.08 2.19
C ILE B 75 8.40 -13.13 1.62
N GLY B 76 8.15 -12.32 0.60
CA GLY B 76 6.86 -12.33 -0.09
C GLY B 76 6.80 -13.45 -1.12
N ILE B 77 5.58 -13.79 -1.52
CA ILE B 77 5.35 -14.66 -2.66
C ILE B 77 5.43 -13.85 -3.94
N THR B 78 4.95 -12.58 -3.86
CA THR B 78 5.24 -11.46 -4.75
C THR B 78 5.77 -10.31 -3.88
N PRO B 79 6.29 -9.18 -4.43
CA PRO B 79 6.71 -8.06 -3.58
C PRO B 79 5.67 -7.59 -2.57
N GLY B 80 4.39 -7.60 -2.97
CA GLY B 80 3.33 -7.05 -2.13
C GLY B 80 2.30 -8.08 -1.66
N LEU B 81 2.49 -9.37 -1.99
CA LEU B 81 1.60 -10.38 -1.46
C LEU B 81 2.36 -11.37 -0.58
N PHE B 82 1.61 -11.98 0.35
CA PHE B 82 2.16 -12.85 1.37
C PHE B 82 1.26 -14.08 1.49
N CYS B 83 1.92 -15.23 1.54
CA CYS B 83 1.19 -16.46 1.35
C CYS B 83 1.70 -17.50 2.34
N GLY B 84 0.74 -18.11 3.03
CA GLY B 84 1.12 -19.18 3.93
C GLY B 84 0.23 -20.40 3.76
N CYS B 85 0.75 -21.56 4.20
CA CYS B 85 -0.07 -22.75 4.31
C CYS B 85 0.05 -23.31 5.72
N GLN B 86 -1.10 -23.80 6.20
CA GLN B 86 -1.23 -24.29 7.55
C GLN B 86 -1.92 -25.65 7.54
N LEU B 87 -1.62 -26.47 8.58
CA LEU B 87 -2.13 -27.83 8.71
C LEU B 87 -2.63 -28.02 10.13
N ILE B 88 -3.89 -28.43 10.27
CA ILE B 88 -4.53 -28.68 11.54
C ILE B 88 -5.03 -30.13 11.53
N HIS B 89 -4.54 -30.95 12.46
CA HIS B 89 -5.07 -32.30 12.60
C HIS B 89 -6.47 -32.24 13.20
N PRO B 90 -7.39 -33.15 12.79
CA PRO B 90 -8.77 -33.14 13.29
C PRO B 90 -8.77 -33.27 14.80
N GLY B 91 -9.65 -32.52 15.50
CA GLY B 91 -9.63 -32.47 16.95
C GLY B 91 -8.70 -31.38 17.48
N GLU B 92 -7.84 -30.79 16.64
CA GLU B 92 -7.02 -29.66 17.06
C GLU B 92 -7.84 -28.37 16.96
N GLU B 93 -7.44 -27.41 17.80
CA GLU B 93 -8.01 -26.07 17.84
C GLU B 93 -6.88 -25.07 17.67
N VAL B 94 -7.17 -24.00 16.93
CA VAL B 94 -6.44 -22.73 17.01
C VAL B 94 -7.29 -21.82 17.88
N THR B 95 -6.73 -21.43 19.02
CA THR B 95 -7.49 -20.70 20.01
C THR B 95 -7.78 -19.27 19.53
N SER B 96 -8.94 -18.75 19.94
CA SER B 96 -9.40 -17.40 19.64
C SER B 96 -8.26 -16.39 19.73
N HIS B 97 -8.01 -15.66 18.62
CA HIS B 97 -7.08 -14.55 18.67
C HIS B 97 -7.54 -13.46 17.69
N ARG B 98 -6.82 -12.33 17.70
CA ARG B 98 -7.08 -11.27 16.73
C ARG B 98 -5.79 -10.56 16.32
N HIS B 99 -5.86 -9.92 15.15
CA HIS B 99 -4.79 -9.10 14.58
C HIS B 99 -5.37 -8.15 13.54
N ASN B 100 -4.75 -6.98 13.42
CA ASN B 100 -5.22 -5.97 12.48
C ASN B 100 -4.87 -6.35 11.05
N SER B 101 -3.92 -7.29 10.88
CA SER B 101 -3.69 -7.93 9.59
C SER B 101 -4.89 -8.81 9.25
N VAL B 102 -5.19 -8.93 7.95
CA VAL B 102 -6.37 -9.64 7.50
C VAL B 102 -5.89 -11.02 7.05
N ALA B 103 -6.83 -11.96 6.87
CA ALA B 103 -6.48 -13.29 6.39
C ALA B 103 -7.58 -13.84 5.49
N LEU B 104 -7.10 -14.35 4.34
CA LEU B 104 -7.90 -14.94 3.28
C LEU B 104 -7.58 -16.43 3.20
N TYR B 105 -8.57 -17.27 3.52
CA TYR B 105 -8.36 -18.70 3.72
C TYR B 105 -9.04 -19.48 2.59
N PHE B 106 -8.25 -20.35 1.92
CA PHE B 106 -8.74 -21.33 0.95
C PHE B 106 -8.60 -22.76 1.50
N ILE B 107 -9.73 -23.48 1.63
CA ILE B 107 -9.68 -24.87 2.12
C ILE B 107 -9.35 -25.84 0.98
N VAL B 108 -8.12 -26.36 1.02
CA VAL B 108 -7.65 -27.35 0.06
C VAL B 108 -8.13 -28.74 0.47
N GLU B 109 -8.08 -29.04 1.77
CA GLU B 109 -8.58 -30.30 2.32
C GLU B 109 -9.06 -30.11 3.76
N GLY B 110 -9.95 -30.99 4.19
CA GLY B 110 -10.35 -31.11 5.58
C GLY B 110 -11.73 -30.50 5.81
N THR B 111 -12.27 -30.72 7.02
CA THR B 111 -13.51 -30.09 7.43
C THR B 111 -13.32 -29.54 8.83
N GLY B 112 -14.30 -28.77 9.31
CA GLY B 112 -14.20 -28.21 10.65
C GLY B 112 -15.10 -27.00 10.84
N GLU B 113 -14.82 -26.27 11.93
CA GLU B 113 -15.56 -25.06 12.27
C GLU B 113 -14.61 -23.86 12.29
N LEU B 114 -15.07 -22.77 11.67
CA LEU B 114 -14.49 -21.44 11.83
C LEU B 114 -15.42 -20.60 12.69
N GLU B 115 -14.88 -20.08 13.79
CA GLU B 115 -15.58 -19.12 14.62
C GLU B 115 -15.01 -17.72 14.37
N VAL B 116 -15.89 -16.79 13.97
CA VAL B 116 -15.49 -15.40 13.86
C VAL B 116 -16.50 -14.54 14.61
N GLU B 117 -15.97 -13.84 15.63
CA GLU B 117 -16.77 -12.90 16.39
C GLU B 117 -18.11 -13.56 16.75
N GLY B 118 -18.01 -14.76 17.34
CA GLY B 118 -19.14 -15.43 17.97
C GLY B 118 -20.03 -16.23 17.01
N GLU B 119 -19.71 -16.26 15.71
CA GLU B 119 -20.50 -16.98 14.74
C GLU B 119 -19.66 -18.11 14.15
N VAL B 120 -20.31 -19.27 13.99
CA VAL B 120 -19.62 -20.48 13.56
C VAL B 120 -20.04 -20.83 12.14
N TYR B 121 -19.06 -21.16 11.30
CA TYR B 121 -19.36 -21.76 10.01
C TYR B 121 -18.64 -23.11 9.92
N SER B 122 -19.29 -24.10 9.27
CA SER B 122 -18.68 -25.41 9.06
C SER B 122 -18.15 -25.50 7.64
N TYR B 123 -16.82 -25.55 7.50
CA TYR B 123 -16.20 -25.46 6.20
C TYR B 123 -15.94 -26.87 5.67
N LYS B 124 -15.80 -26.94 4.34
CA LYS B 124 -15.48 -28.18 3.65
C LYS B 124 -14.43 -27.79 2.61
N PRO B 125 -13.83 -28.73 1.85
CA PRO B 125 -12.80 -28.35 0.87
C PRO B 125 -13.25 -27.37 -0.22
N PHE B 126 -12.37 -26.42 -0.54
CA PHE B 126 -12.53 -25.45 -1.62
C PHE B 126 -13.50 -24.33 -1.24
N ASP B 127 -13.94 -24.33 0.02
CA ASP B 127 -14.55 -23.15 0.60
C ASP B 127 -13.49 -22.05 0.72
N ILE B 128 -13.96 -20.80 0.65
CA ILE B 128 -13.14 -19.61 0.79
C ILE B 128 -13.75 -18.77 1.90
N MET B 129 -12.89 -18.29 2.80
CA MET B 129 -13.34 -17.59 4.01
C MET B 129 -12.31 -16.51 4.39
N THR B 130 -12.81 -15.37 4.87
CA THR B 130 -11.97 -14.27 5.33
C THR B 130 -12.16 -14.08 6.82
N CYS B 131 -11.06 -13.71 7.49
CA CYS B 131 -11.12 -13.26 8.88
C CYS B 131 -10.77 -11.77 8.91
N PRO B 132 -11.77 -10.85 8.91
CA PRO B 132 -11.51 -9.40 8.84
C PRO B 132 -10.54 -8.90 9.92
N ALA B 133 -9.81 -7.83 9.60
CA ALA B 133 -8.83 -7.26 10.52
C ALA B 133 -9.42 -7.14 11.93
N TRP B 134 -8.68 -7.64 12.93
CA TRP B 134 -9.01 -7.43 14.33
C TRP B 134 -10.31 -8.14 14.74
N SER B 135 -10.83 -9.05 13.92
CA SER B 135 -11.94 -9.87 14.37
C SER B 135 -11.41 -11.06 15.14
N TYR B 136 -12.10 -11.44 16.23
CA TYR B 136 -11.81 -12.68 16.95
C TYR B 136 -12.14 -13.86 16.07
N HIS B 137 -11.14 -14.71 15.84
CA HIS B 137 -11.35 -15.90 15.02
C HIS B 137 -10.70 -17.11 15.65
N ALA B 138 -11.31 -18.28 15.42
CA ALA B 138 -10.88 -19.56 15.96
C ALA B 138 -11.19 -20.67 14.97
N TRP B 139 -10.33 -21.71 14.99
CA TRP B 139 -10.39 -22.90 14.14
C TRP B 139 -10.56 -24.17 14.98
N ARG B 140 -11.38 -25.12 14.51
CA ARG B 140 -11.28 -26.49 14.99
C ARG B 140 -11.53 -27.50 13.86
N ALA B 141 -10.50 -28.29 13.55
CA ALA B 141 -10.57 -29.30 12.49
C ALA B 141 -11.44 -30.50 12.92
N THR B 142 -12.33 -30.97 12.04
CA THR B 142 -13.17 -32.13 12.32
C THR B 142 -12.89 -33.24 11.30
N GLY B 143 -13.77 -34.26 11.29
CA GLY B 143 -13.66 -35.36 10.36
C GLY B 143 -12.43 -36.24 10.59
N ASP B 144 -11.84 -36.75 9.50
CA ASP B 144 -10.81 -37.78 9.57
C ASP B 144 -9.56 -37.31 8.81
N LYS B 145 -9.75 -36.49 7.78
CA LYS B 145 -8.65 -35.94 7.00
C LYS B 145 -8.21 -34.62 7.65
N ASP B 146 -6.90 -34.39 7.71
CA ASP B 146 -6.33 -33.11 8.06
C ASP B 146 -6.96 -31.96 7.25
N THR B 147 -7.14 -30.82 7.93
CA THR B 147 -7.41 -29.55 7.27
C THR B 147 -6.08 -28.95 6.79
N LEU B 148 -6.01 -28.66 5.48
CA LEU B 148 -4.88 -27.94 4.91
C LEU B 148 -5.39 -26.69 4.21
N MET B 149 -4.78 -25.55 4.53
CA MET B 149 -5.29 -24.26 4.12
C MET B 149 -4.22 -23.53 3.31
N TYR B 150 -4.72 -22.87 2.25
CA TYR B 150 -3.92 -21.94 1.47
C TYR B 150 -4.35 -20.53 1.90
N VAL B 151 -3.39 -19.79 2.48
CA VAL B 151 -3.70 -18.57 3.23
C VAL B 151 -2.90 -17.38 2.67
N ILE B 152 -3.64 -16.32 2.35
CA ILE B 152 -3.03 -15.07 1.92
C ILE B 152 -3.32 -14.00 2.97
N HIS B 153 -2.30 -13.20 3.28
CA HIS B 153 -2.40 -12.21 4.35
C HIS B 153 -1.56 -10.96 4.04
N ASP B 154 -1.82 -9.91 4.82
CA ASP B 154 -1.15 -8.62 4.62
C ASP B 154 -0.28 -8.29 5.84
N MET B 155 -0.01 -9.30 6.66
CA MET B 155 0.67 -9.12 7.93
C MET B 155 2.02 -8.41 7.71
N ALA B 156 2.75 -8.84 6.68
CA ALA B 156 4.11 -8.36 6.49
C ALA B 156 4.07 -6.88 6.11
N LEU B 157 3.02 -6.48 5.39
CA LEU B 157 2.90 -5.10 4.94
C LEU B 157 2.77 -4.22 6.18
N LEU B 158 1.86 -4.62 7.09
CA LEU B 158 1.65 -3.88 8.32
C LEU B 158 2.92 -3.88 9.18
N ALA B 159 3.68 -4.99 9.14
CA ALA B 159 4.87 -5.13 9.97
C ALA B 159 5.93 -4.14 9.47
N TYR B 160 6.09 -4.04 8.15
CA TYR B 160 7.08 -3.18 7.51
C TYR B 160 6.81 -1.70 7.82
N MET B 161 5.52 -1.38 7.93
CA MET B 161 5.08 -0.05 8.32
C MET B 161 5.22 0.16 9.83
N ARG B 162 5.42 -0.93 10.59
CA ARG B 162 5.33 -0.90 12.05
C ARG B 162 3.95 -0.49 12.52
N ALA B 163 2.88 -0.89 11.83
CA ALA B 163 1.53 -0.56 12.26
C ALA B 163 0.71 -1.83 12.54
N LEU B 164 1.41 -2.98 12.67
CA LEU B 164 0.77 -4.25 12.95
C LEU B 164 0.56 -4.45 14.45
N PHE B 165 -0.64 -4.93 14.80
CA PHE B 165 -1.05 -5.33 16.15
C PHE B 165 -1.56 -6.78 16.16
N TRP B 166 -1.22 -7.49 17.24
CA TRP B 166 -1.51 -8.90 17.42
C TRP B 166 -1.92 -9.14 18.88
N GLU B 167 -3.13 -9.71 19.08
CA GLU B 167 -3.56 -10.12 20.40
C GLU B 167 -3.71 -11.64 20.45
N GLU B 168 -2.70 -12.31 21.00
CA GLU B 168 -2.80 -13.73 21.24
C GLU B 168 -2.15 -14.06 22.59
N PRO B 169 -2.79 -14.86 23.47
CA PRO B 169 -4.17 -15.34 23.24
C PRO B 169 -5.12 -14.20 23.57
N LYS B 170 -6.43 -14.45 23.42
CA LYS B 170 -7.48 -13.47 23.65
C LYS B 170 -7.27 -12.81 25.01
N GLY B 171 -7.46 -11.48 25.06
CA GLY B 171 -7.23 -10.70 26.26
C GLY B 171 -6.41 -9.45 25.95
N SER B 172 -6.95 -8.30 26.35
CA SER B 172 -6.41 -7.00 25.98
C SER B 172 -4.97 -6.85 26.45
N GLU B 173 -4.59 -7.57 27.52
CA GLU B 173 -3.23 -7.50 28.02
C GLU B 173 -2.28 -8.24 27.07
N ASN B 174 -2.82 -9.01 26.13
CA ASN B 174 -1.96 -9.74 25.23
C ASN B 174 -1.69 -8.93 23.96
N ILE B 175 -2.21 -7.70 23.90
CA ILE B 175 -2.04 -6.91 22.70
C ILE B 175 -0.58 -6.46 22.59
N ARG B 176 0.02 -6.66 21.42
CA ARG B 176 1.36 -6.15 21.21
C ARG B 176 1.40 -5.25 19.98
N HIS B 177 2.20 -4.19 20.10
CA HIS B 177 2.69 -3.49 18.93
C HIS B 177 3.88 -4.30 18.41
N MET B 178 3.70 -4.91 17.23
CA MET B 178 4.61 -5.95 16.76
C MET B 178 5.85 -5.35 16.12
N VAL B 179 6.87 -5.11 16.96
CA VAL B 179 8.19 -4.64 16.56
C VAL B 179 9.20 -5.38 17.41
N LYS B 180 10.44 -5.48 16.93
CA LYS B 180 11.47 -6.25 17.59
C LYS B 180 11.61 -5.82 19.05
N GLY B 181 11.20 -6.70 19.96
CA GLY B 181 11.12 -6.39 21.38
C GLY B 181 9.69 -6.30 21.92
N SER B 182 8.72 -6.92 21.19
CA SER B 182 7.41 -7.30 21.71
C SER B 182 6.62 -8.08 20.65
N FME C 1 -15.23 -6.59 18.01
CN FME C 1 -14.83 -5.74 18.93
O1 FME C 1 -14.42 -6.04 20.04
CA FME C 1 -15.76 -6.15 16.75
CB FME C 1 -15.51 -7.14 15.60
CG FME C 1 -14.05 -7.30 15.31
SD FME C 1 -13.59 -6.37 13.85
CE FME C 1 -12.27 -5.38 14.54
C FME C 1 -17.27 -5.94 16.83
O FME C 1 -17.72 -4.81 16.95
N MET C 2 -18.03 -7.03 16.75
CA MET C 2 -19.38 -6.93 16.25
C MET C 2 -20.21 -8.14 16.69
N LYS C 3 -21.49 -7.87 17.01
CA LYS C 3 -22.48 -8.92 17.09
C LYS C 3 -23.12 -9.00 15.71
N TRP C 4 -23.07 -10.18 15.11
CA TRP C 4 -23.56 -10.38 13.76
C TRP C 4 -24.11 -11.79 13.65
N SER C 5 -24.58 -12.14 12.46
CA SER C 5 -25.33 -13.38 12.28
C SER C 5 -25.07 -13.92 10.88
N ASN C 6 -24.85 -15.25 10.80
CA ASN C 6 -24.79 -15.95 9.54
C ASN C 6 -26.03 -16.82 9.38
N LYS C 7 -26.99 -16.66 10.30
CA LYS C 7 -28.16 -17.54 10.34
C LYS C 7 -28.96 -17.45 9.04
N ASP C 8 -28.77 -16.39 8.26
CA ASP C 8 -29.53 -16.22 7.03
C ASP C 8 -28.60 -16.24 5.82
N GLY C 9 -27.37 -16.74 6.02
CA GLY C 9 -26.44 -16.88 4.92
C GLY C 9 -25.42 -15.76 4.91
N TYR C 10 -24.77 -15.57 3.76
CA TYR C 10 -23.76 -14.55 3.60
C TYR C 10 -24.08 -13.74 2.35
N PRO C 11 -25.26 -13.07 2.30
CA PRO C 11 -25.69 -12.36 1.09
C PRO C 11 -24.69 -11.31 0.59
N TRP C 12 -23.88 -10.75 1.49
CA TRP C 12 -22.83 -9.77 1.19
C TRP C 12 -21.62 -10.40 0.51
N SER C 13 -21.50 -11.73 0.62
CA SER C 13 -20.38 -12.45 0.03
C SER C 13 -20.78 -12.88 -1.38
N LYS C 14 -20.20 -12.26 -2.40
CA LYS C 14 -20.77 -12.47 -3.72
C LYS C 14 -19.71 -12.77 -4.76
N ILE C 15 -20.23 -13.25 -5.91
CA ILE C 15 -19.50 -13.61 -7.10
C ILE C 15 -20.05 -12.77 -8.25
N ILE C 16 -19.17 -12.03 -8.94
CA ILE C 16 -19.63 -11.09 -9.94
C ILE C 16 -18.89 -11.29 -11.27
N HIS C 17 -19.57 -10.85 -12.33
CA HIS C 17 -19.10 -10.89 -13.70
C HIS C 17 -17.80 -10.08 -13.82
N ALA C 18 -16.91 -10.48 -14.72
CA ALA C 18 -15.68 -9.74 -14.94
C ALA C 18 -15.95 -8.32 -15.46
N GLU C 19 -17.08 -8.13 -16.15
CA GLU C 19 -17.38 -6.82 -16.69
C GLU C 19 -17.81 -5.88 -15.57
N LYS C 20 -18.60 -6.37 -14.59
CA LYS C 20 -18.93 -5.54 -13.45
C LYS C 20 -17.64 -5.18 -12.70
N PHE C 21 -16.78 -6.17 -12.41
CA PHE C 21 -15.55 -5.85 -11.67
C PHE C 21 -14.76 -4.76 -12.37
N PHE C 22 -14.49 -4.95 -13.66
CA PHE C 22 -13.68 -4.06 -14.46
C PHE C 22 -14.27 -2.64 -14.40
N ASP C 23 -15.59 -2.56 -14.56
CA ASP C 23 -16.27 -1.28 -14.62
C ASP C 23 -16.12 -0.52 -13.30
N LYS C 24 -16.16 -1.23 -12.16
CA LYS C 24 -16.07 -0.56 -10.86
C LYS C 24 -14.62 -0.31 -10.44
N VAL C 25 -13.66 -0.97 -11.12
CA VAL C 25 -12.30 -0.91 -10.63
C VAL C 25 -11.49 0.17 -11.37
N ILE C 26 -11.91 0.52 -12.59
CA ILE C 26 -11.19 1.57 -13.31
C ILE C 26 -11.75 2.91 -12.87
N GLN C 27 -10.82 3.84 -12.62
CA GLN C 27 -11.15 5.16 -12.07
C GLN C 27 -10.94 6.23 -13.15
N ASN C 28 -11.62 7.37 -12.94
CA ASN C 28 -11.37 8.57 -13.72
C ASN C 28 -9.97 9.06 -13.41
N ASP C 29 -9.36 9.74 -14.37
CA ASP C 29 -8.12 10.43 -14.13
C ASP C 29 -8.42 11.64 -13.25
N THR C 30 -7.36 12.36 -12.85
CA THR C 30 -7.49 13.36 -11.81
C THR C 30 -6.77 14.62 -12.28
N ARG C 31 -7.48 15.75 -12.34
CA ARG C 31 -6.87 17.02 -12.71
C ARG C 31 -5.82 17.38 -11.66
N PRO C 32 -4.73 18.09 -12.02
CA PRO C 32 -3.74 18.50 -11.03
C PRO C 32 -4.41 19.35 -9.96
N GLY C 33 -3.84 19.34 -8.76
CA GLY C 33 -4.41 20.10 -7.66
C GLY C 33 -3.52 21.30 -7.39
N LYS C 34 -4.13 22.39 -6.92
CA LYS C 34 -3.40 23.59 -6.49
C LYS C 34 -4.16 24.23 -5.34
N TRP C 35 -3.43 24.50 -4.24
CA TRP C 35 -3.99 25.13 -3.06
C TRP C 35 -3.08 26.30 -2.72
N GLU C 36 -3.69 27.40 -2.23
CA GLU C 36 -2.95 28.60 -1.86
C GLU C 36 -2.86 28.74 -0.34
N TRP C 37 -1.68 29.12 0.16
CA TRP C 37 -1.42 29.22 1.58
C TRP C 37 -2.44 30.11 2.29
N ALA C 38 -2.70 31.28 1.70
CA ALA C 38 -3.71 32.21 2.18
C ALA C 38 -5.01 31.46 2.48
N ASP C 39 -5.47 30.62 1.56
CA ASP C 39 -6.74 29.92 1.74
C ASP C 39 -6.65 28.94 2.90
N VAL C 40 -5.45 28.39 3.11
CA VAL C 40 -5.24 27.41 4.17
C VAL C 40 -5.29 28.14 5.51
N VAL C 41 -4.56 29.25 5.58
CA VAL C 41 -4.49 30.00 6.82
C VAL C 41 -5.85 30.58 7.17
N SER C 42 -6.55 31.10 6.16
CA SER C 42 -7.92 31.57 6.31
C SER C 42 -8.85 30.48 6.85
N GLY C 43 -8.86 29.31 6.20
CA GLY C 43 -9.63 28.18 6.69
C GLY C 43 -9.41 27.94 8.19
N LEU C 44 -8.14 28.04 8.63
CA LEU C 44 -7.77 27.73 9.99
C LEU C 44 -8.28 28.80 10.97
N ARG C 45 -8.12 30.08 10.62
CA ARG C 45 -8.63 31.20 11.39
C ARG C 45 -10.14 31.09 11.59
N ASP C 46 -10.86 30.71 10.53
CA ASP C 46 -12.30 30.49 10.56
C ASP C 46 -12.70 29.62 11.76
N LEU C 47 -11.98 28.51 11.96
CA LEU C 47 -12.32 27.54 12.98
C LEU C 47 -12.38 28.21 14.35
N ASP C 48 -11.54 29.24 14.55
CA ASP C 48 -11.47 29.90 15.83
C ASP C 48 -12.80 30.58 16.18
N LYS C 49 -13.64 30.85 15.17
CA LYS C 49 -14.95 31.45 15.41
C LYS C 49 -15.89 30.46 16.09
N ASP C 50 -15.43 29.22 16.25
CA ASP C 50 -16.15 28.29 17.10
C ASP C 50 -15.63 28.45 18.52
N PRO C 51 -16.50 28.84 19.49
CA PRO C 51 -16.08 28.94 20.88
C PRO C 51 -15.66 27.56 21.40
N ARG C 52 -16.42 26.52 20.99
CA ARG C 52 -16.20 25.14 21.41
C ARG C 52 -15.19 24.46 20.48
N MET C 53 -13.98 25.04 20.39
CA MET C 53 -12.93 24.57 19.51
C MET C 53 -11.59 24.83 20.21
N ASN C 54 -10.72 23.81 20.23
CA ASN C 54 -9.40 24.00 20.83
C ASN C 54 -8.33 23.38 19.95
N SER C 55 -7.10 23.51 20.44
CA SER C 55 -5.85 23.25 19.75
C SER C 55 -5.84 21.87 19.10
N GLU C 56 -6.52 20.91 19.72
CA GLU C 56 -6.45 19.53 19.29
C GLU C 56 -7.39 19.27 18.11
N ARG C 57 -8.26 20.22 17.81
CA ARG C 57 -9.24 20.02 16.77
C ARG C 57 -8.98 21.01 15.62
N ARG C 58 -7.85 21.72 15.66
CA ARG C 58 -7.66 22.88 14.79
C ARG C 58 -6.89 22.48 13.54
N TYR C 59 -7.58 21.75 12.67
CA TYR C 59 -6.96 21.12 11.53
C TYR C 59 -7.96 21.19 10.39
N VAL C 60 -7.43 21.34 9.17
CA VAL C 60 -8.19 21.26 7.94
C VAL C 60 -7.53 20.21 7.04
N ALA C 61 -8.36 19.52 6.25
CA ALA C 61 -7.81 18.59 5.27
C ALA C 61 -7.68 19.31 3.93
N ILE C 62 -6.55 19.08 3.27
CA ILE C 62 -6.28 19.59 1.94
C ILE C 62 -6.63 18.45 0.99
N VAL C 63 -7.66 18.62 0.16
CA VAL C 63 -8.18 17.51 -0.62
C VAL C 63 -8.22 17.86 -2.11
N ASN C 64 -8.02 16.84 -2.97
CA ASN C 64 -8.29 16.95 -4.41
C ASN C 64 -9.48 16.05 -4.73
N GLU C 65 -10.66 16.65 -4.86
CA GLU C 65 -11.92 15.92 -4.92
C GLU C 65 -11.96 14.89 -6.06
N ASP C 66 -11.11 15.05 -7.08
CA ASP C 66 -11.04 14.16 -8.23
C ASP C 66 -10.52 12.78 -7.84
N VAL C 67 -9.66 12.70 -6.80
CA VAL C 67 -9.01 11.44 -6.42
C VAL C 67 -10.01 10.48 -5.76
N GLY C 68 -11.25 10.92 -5.56
CA GLY C 68 -12.30 10.03 -5.06
C GLY C 68 -12.36 8.73 -5.86
N LEU C 69 -12.92 7.68 -5.24
CA LEU C 69 -13.16 6.43 -5.96
C LEU C 69 -14.60 6.40 -6.43
N GLY C 70 -14.81 5.91 -7.66
CA GLY C 70 -16.14 5.79 -8.22
C GLY C 70 -16.83 7.15 -8.24
N GLU C 71 -17.85 7.32 -7.40
CA GLU C 71 -18.62 8.55 -7.43
C GLU C 71 -18.27 9.49 -6.28
N THR C 72 -17.48 8.99 -5.31
CA THR C 72 -17.08 9.73 -4.12
C THR C 72 -16.20 10.93 -4.48
N LYS C 73 -16.49 12.07 -3.84
CA LYS C 73 -15.55 13.18 -3.81
C LYS C 73 -14.40 12.75 -2.90
N GLY C 74 -13.16 12.85 -3.38
CA GLY C 74 -12.01 12.31 -2.68
C GLY C 74 -11.60 13.18 -1.48
N ILE C 75 -10.76 12.62 -0.60
CA ILE C 75 -10.32 13.30 0.60
C ILE C 75 -8.79 13.23 0.70
N GLY C 76 -8.17 12.58 -0.29
CA GLY C 76 -6.73 12.65 -0.41
C GLY C 76 -6.32 13.92 -1.15
N ILE C 77 -5.04 14.29 -1.05
CA ILE C 77 -4.48 15.35 -1.86
C ILE C 77 -4.02 14.72 -3.18
N THR C 78 -3.71 13.42 -3.11
CA THR C 78 -3.60 12.52 -4.26
C THR C 78 -4.35 11.25 -3.89
N PRO C 79 -4.49 10.26 -4.80
CA PRO C 79 -5.10 8.97 -4.44
C PRO C 79 -4.56 8.32 -3.16
N GLY C 80 -3.23 8.26 -3.03
CA GLY C 80 -2.62 7.51 -1.94
C GLY C 80 -1.91 8.40 -0.92
N LEU C 81 -2.10 9.73 -1.01
CA LEU C 81 -1.48 10.63 -0.05
C LEU C 81 -2.53 11.50 0.61
N PHE C 82 -2.27 11.85 1.87
CA PHE C 82 -3.21 12.59 2.69
C PHE C 82 -2.46 13.72 3.40
N CYS C 83 -3.10 14.88 3.37
CA CYS C 83 -2.42 16.08 3.83
C CYS C 83 -3.39 16.92 4.65
N GLY C 84 -2.86 17.40 5.78
CA GLY C 84 -3.62 18.29 6.63
C GLY C 84 -2.75 19.47 7.04
N CYS C 85 -3.41 20.53 7.49
CA CYS C 85 -2.69 21.64 8.08
C CYS C 85 -3.32 22.01 9.41
N GLN C 86 -2.46 22.51 10.30
CA GLN C 86 -2.89 22.73 11.67
C GLN C 86 -2.25 23.98 12.25
N LEU C 87 -2.96 24.56 13.23
CA LEU C 87 -2.66 25.87 13.83
C LEU C 87 -2.75 25.75 15.34
N ILE C 88 -1.61 25.96 16.01
CA ILE C 88 -1.52 25.99 17.47
C ILE C 88 -1.06 27.37 17.90
N HIS C 89 -1.85 28.01 18.77
CA HIS C 89 -1.46 29.30 19.31
C HIS C 89 -0.41 29.09 20.39
N PRO C 90 0.51 30.08 20.58
CA PRO C 90 1.53 30.01 21.63
C PRO C 90 0.85 29.76 22.98
N GLY C 91 1.33 28.73 23.70
CA GLY C 91 0.81 28.38 25.01
C GLY C 91 -0.30 27.31 24.98
N GLU C 92 -0.80 26.96 23.79
CA GLU C 92 -1.69 25.81 23.69
C GLU C 92 -0.84 24.55 23.62
N GLU C 93 -1.48 23.39 23.89
CA GLU C 93 -0.83 22.08 23.85
C GLU C 93 -1.75 21.08 23.16
N VAL C 94 -1.16 20.21 22.32
CA VAL C 94 -1.77 18.95 21.95
C VAL C 94 -1.17 17.86 22.84
N THR C 95 -1.99 17.32 23.74
CA THR C 95 -1.49 16.44 24.79
C THR C 95 -1.24 15.05 24.21
N SER C 96 -0.48 14.25 24.97
CA SER C 96 0.02 12.93 24.59
C SER C 96 -1.08 12.07 23.95
N HIS C 97 -0.78 11.55 22.77
CA HIS C 97 -1.63 10.54 22.19
C HIS C 97 -0.77 9.66 21.32
N ARG C 98 -1.39 8.58 20.80
CA ARG C 98 -0.75 7.75 19.80
C ARG C 98 -1.81 7.18 18.85
N HIS C 99 -1.36 6.91 17.62
CA HIS C 99 -2.15 6.27 16.58
C HIS C 99 -1.16 5.47 15.74
N ASN C 100 -1.64 4.38 15.13
CA ASN C 100 -0.74 3.55 14.34
C ASN C 100 -0.41 4.21 13.00
N SER C 101 -1.22 5.22 12.61
CA SER C 101 -0.88 6.08 11.49
C SER C 101 0.32 6.97 11.85
N VAL C 102 1.16 7.19 10.86
CA VAL C 102 2.37 8.01 10.97
C VAL C 102 1.99 9.44 10.62
N ALA C 103 2.80 10.40 11.07
CA ALA C 103 2.59 11.80 10.71
C ALA C 103 3.95 12.45 10.48
N LEU C 104 4.01 13.25 9.42
CA LEU C 104 5.22 13.94 8.97
C LEU C 104 4.92 15.44 8.98
N TYR C 105 5.76 16.19 9.71
CA TYR C 105 5.47 17.59 10.01
C TYR C 105 6.46 18.49 9.31
N PHE C 106 5.92 19.47 8.56
CA PHE C 106 6.68 20.62 8.12
C PHE C 106 6.22 21.89 8.84
N ILE C 107 7.13 22.52 9.59
CA ILE C 107 6.86 23.76 10.30
C ILE C 107 6.99 24.92 9.30
N VAL C 108 5.83 25.48 8.91
CA VAL C 108 5.79 26.65 8.04
C VAL C 108 6.05 27.90 8.87
N GLU C 109 5.38 28.00 10.04
CA GLU C 109 5.57 29.13 10.94
C GLU C 109 5.42 28.69 12.39
N GLY C 110 6.03 29.48 13.29
CA GLY C 110 5.96 29.30 14.73
C GLY C 110 7.20 28.59 15.29
N THR C 111 7.18 28.41 16.62
CA THR C 111 8.20 27.67 17.35
C THR C 111 7.54 26.96 18.51
N GLY C 112 8.26 25.99 19.10
CA GLY C 112 7.78 25.33 20.29
C GLY C 112 8.51 24.01 20.54
N GLU C 113 7.82 23.16 21.31
CA GLU C 113 8.34 21.87 21.72
C GLU C 113 7.46 20.72 21.23
N LEU C 114 8.14 19.73 20.64
CA LEU C 114 7.54 18.44 20.33
C LEU C 114 8.12 17.40 21.27
N GLU C 115 7.25 16.68 21.96
CA GLU C 115 7.69 15.59 22.79
C GLU C 115 7.25 14.27 22.14
N VAL C 116 8.21 13.38 21.90
CA VAL C 116 7.91 12.06 21.38
C VAL C 116 8.59 11.02 22.26
N GLU C 117 7.77 10.16 22.88
CA GLU C 117 8.25 9.11 23.77
C GLU C 117 9.34 9.64 24.70
N GLY C 118 9.01 10.70 25.48
CA GLY C 118 9.83 11.16 26.59
C GLY C 118 10.95 12.12 26.19
N GLU C 119 11.19 12.31 24.90
CA GLU C 119 12.23 13.23 24.47
C GLU C 119 11.58 14.47 23.86
N VAL C 120 12.16 15.65 24.17
CA VAL C 120 11.67 16.96 23.74
C VAL C 120 12.60 17.54 22.67
N TYR C 121 12.01 18.08 21.61
CA TYR C 121 12.76 18.89 20.65
C TYR C 121 12.11 20.27 20.52
N SER C 122 12.94 21.31 20.34
CA SER C 122 12.46 22.68 20.13
C SER C 122 12.49 23.03 18.65
N TYR C 123 11.29 23.19 18.06
CA TYR C 123 11.24 23.38 16.62
C TYR C 123 11.15 24.87 16.32
N LYS C 124 11.51 25.19 15.08
CA LYS C 124 11.53 26.54 14.54
C LYS C 124 11.01 26.41 13.11
N PRO C 125 10.77 27.52 12.37
CA PRO C 125 10.29 27.42 10.99
C PRO C 125 11.14 26.55 10.06
N PHE C 126 10.45 25.66 9.33
CA PHE C 126 11.00 24.86 8.23
C PHE C 126 11.78 23.65 8.76
N ASP C 127 11.60 23.35 10.04
CA ASP C 127 12.08 22.09 10.57
C ASP C 127 11.13 21.03 10.05
N ILE C 128 11.66 19.82 9.86
CA ILE C 128 10.89 18.66 9.45
C ILE C 128 11.05 17.59 10.52
N MET C 129 9.91 17.00 10.93
CA MET C 129 9.88 16.06 12.04
C MET C 129 8.83 15.00 11.76
N THR C 130 9.10 13.76 12.20
CA THR C 130 8.16 12.65 12.08
C THR C 130 7.73 12.18 13.46
N CYS C 131 6.48 11.72 13.55
CA CYS C 131 5.97 11.04 14.73
C CYS C 131 5.68 9.58 14.38
N PRO C 132 6.68 8.68 14.56
CA PRO C 132 6.57 7.26 14.16
C PRO C 132 5.27 6.59 14.61
N ALA C 133 4.81 5.60 13.82
CA ALA C 133 3.55 4.93 14.10
C ALA C 133 3.52 4.54 15.57
N TRP C 134 2.41 4.84 16.27
CA TRP C 134 2.18 4.39 17.64
C TRP C 134 3.13 5.00 18.67
N SER C 135 3.95 5.99 18.31
CA SER C 135 4.76 6.63 19.33
C SER C 135 3.96 7.75 20.01
N TYR C 136 4.06 7.83 21.35
CA TYR C 136 3.51 8.94 22.12
C TYR C 136 4.20 10.23 21.71
N HIS C 137 3.39 11.17 21.25
CA HIS C 137 3.84 12.48 20.83
C HIS C 137 2.91 13.56 21.37
N ALA C 138 3.47 14.75 21.63
CA ALA C 138 2.71 15.89 22.13
C ALA C 138 3.35 17.17 21.60
N TRP C 139 2.53 18.23 21.50
CA TRP C 139 2.99 19.53 21.03
C TRP C 139 2.77 20.62 22.09
N ARG C 140 3.75 21.53 22.26
CA ARG C 140 3.48 22.81 22.93
C ARG C 140 4.04 23.96 22.09
N ALA C 141 3.14 24.87 21.64
CA ALA C 141 3.53 26.06 20.88
C ALA C 141 4.10 27.16 21.77
N THR C 142 5.28 27.69 21.41
CA THR C 142 5.91 28.76 22.15
C THR C 142 6.07 30.01 21.27
N GLY C 143 6.66 31.07 21.85
CA GLY C 143 6.91 32.32 21.15
C GLY C 143 5.69 33.24 21.06
N ASP C 144 5.58 33.99 19.96
CA ASP C 144 4.57 35.02 19.82
C ASP C 144 3.68 34.72 18.60
N LYS C 145 4.32 34.23 17.52
CA LYS C 145 3.68 33.77 16.31
C LYS C 145 3.13 32.36 16.49
N ASP C 146 1.89 32.19 16.04
CA ASP C 146 1.23 30.91 15.86
C ASP C 146 2.12 29.91 15.12
N THR C 147 2.04 28.66 15.57
CA THR C 147 2.55 27.50 14.86
C THR C 147 1.55 27.10 13.78
N LEU C 148 2.08 27.07 12.55
CA LEU C 148 1.37 26.54 11.39
C LEU C 148 2.16 25.35 10.84
N MET C 149 1.48 24.20 10.78
CA MET C 149 2.09 22.95 10.33
C MET C 149 1.42 22.45 9.05
N TYR C 150 2.26 21.95 8.15
CA TYR C 150 1.86 21.24 6.95
C TYR C 150 2.13 19.76 7.18
N VAL C 151 1.07 18.94 7.11
CA VAL C 151 1.14 17.60 7.68
C VAL C 151 0.79 16.54 6.64
N ILE C 152 1.72 15.59 6.47
CA ILE C 152 1.45 14.43 5.63
C ILE C 152 1.28 13.19 6.53
N HIS C 153 0.25 12.39 6.26
CA HIS C 153 -0.06 11.22 7.07
C HIS C 153 -0.77 10.10 6.27
N ASP C 154 -0.91 8.92 6.87
CA ASP C 154 -1.45 7.76 6.16
C ASP C 154 -2.70 7.26 6.89
N MET C 155 -3.24 8.12 7.75
CA MET C 155 -4.38 7.80 8.57
C MET C 155 -5.50 7.20 7.73
N ALA C 156 -5.68 7.73 6.51
CA ALA C 156 -6.79 7.30 5.67
C ALA C 156 -6.54 5.89 5.13
N LEU C 157 -5.27 5.51 4.95
CA LEU C 157 -4.98 4.22 4.36
C LEU C 157 -5.36 3.10 5.34
N LEU C 158 -4.87 3.26 6.57
CA LEU C 158 -5.20 2.35 7.64
C LEU C 158 -6.71 2.32 7.85
N ALA C 159 -7.38 3.46 7.64
CA ALA C 159 -8.81 3.56 7.94
C ALA C 159 -9.60 2.70 6.98
N TYR C 160 -9.19 2.69 5.71
CA TYR C 160 -9.83 1.96 4.61
C TYR C 160 -9.64 0.44 4.76
N MET C 161 -8.44 0.03 5.21
CA MET C 161 -8.14 -1.34 5.55
C MET C 161 -8.84 -1.75 6.85
N ARG C 162 -9.43 -0.79 7.58
CA ARG C 162 -9.89 -1.02 8.95
C ARG C 162 -8.77 -1.56 9.85
N ALA C 163 -7.57 -0.98 9.79
CA ALA C 163 -6.43 -1.52 10.51
C ALA C 163 -5.86 -0.43 11.42
N LEU C 164 -6.64 0.65 11.60
CA LEU C 164 -6.17 1.86 12.24
C LEU C 164 -6.57 1.87 13.70
N PHE C 165 -5.62 2.25 14.55
CA PHE C 165 -5.82 2.34 15.99
C PHE C 165 -5.45 3.73 16.47
N TRP C 166 -6.15 4.16 17.52
CA TRP C 166 -6.05 5.48 18.09
C TRP C 166 -6.20 5.41 19.61
N GLU C 167 -5.19 5.90 20.33
CA GLU C 167 -5.28 6.02 21.77
C GLU C 167 -5.26 7.50 22.14
N GLU C 168 -6.45 8.07 22.36
CA GLU C 168 -6.53 9.41 22.92
C GLU C 168 -7.57 9.47 24.04
N PRO C 169 -7.23 10.09 25.20
CA PRO C 169 -5.87 10.53 25.48
C PRO C 169 -5.06 9.37 26.03
N LYS C 170 -3.80 9.63 26.39
CA LYS C 170 -2.85 8.61 26.81
C LYS C 170 -3.51 7.68 27.82
N GLY C 171 -3.23 6.38 27.74
CA GLY C 171 -3.92 5.41 28.57
C GLY C 171 -4.45 4.26 27.72
N SER C 172 -3.98 3.04 28.00
CA SER C 172 -4.31 1.91 27.15
C SER C 172 -5.82 1.64 27.11
N GLU C 173 -6.57 2.14 28.11
CA GLU C 173 -8.00 1.89 28.16
C GLU C 173 -8.72 2.77 27.15
N ASN C 174 -7.98 3.69 26.50
CA ASN C 174 -8.54 4.59 25.52
C ASN C 174 -8.29 4.12 24.07
N ILE C 175 -7.61 2.98 23.89
CA ILE C 175 -7.35 2.48 22.54
C ILE C 175 -8.68 2.19 21.86
N ARG C 176 -8.80 2.56 20.58
CA ARG C 176 -9.97 2.15 19.81
C ARG C 176 -9.52 1.64 18.46
N HIS C 177 -10.16 0.55 18.03
CA HIS C 177 -10.15 0.16 16.64
C HIS C 177 -11.06 1.15 15.93
N MET C 178 -10.51 1.88 14.95
CA MET C 178 -11.21 3.04 14.41
C MET C 178 -12.12 2.65 13.25
N VAL C 179 -13.36 2.25 13.58
CA VAL C 179 -14.42 1.94 12.63
C VAL C 179 -15.74 2.46 13.22
N LYS C 180 -16.75 2.62 12.36
CA LYS C 180 -18.16 2.79 12.71
C LYS C 180 -18.66 4.13 12.14
N FME D 1 12.14 -7.90 -21.19
CN FME D 1 11.80 -6.89 -21.99
O1 FME D 1 11.32 -5.81 -21.61
CA FME D 1 11.95 -7.90 -19.75
CB FME D 1 10.51 -8.30 -19.40
CG FME D 1 10.32 -8.92 -18.01
SD FME D 1 9.37 -7.76 -17.00
CE FME D 1 9.09 -8.65 -15.47
C FME D 1 12.98 -8.83 -19.10
O FME D 1 13.65 -8.41 -18.15
N MET D 2 13.11 -10.05 -19.63
CA MET D 2 13.72 -11.13 -18.88
C MET D 2 14.15 -12.26 -19.82
N LYS D 3 15.47 -12.47 -19.90
CA LYS D 3 16.03 -13.73 -20.41
C LYS D 3 16.37 -14.61 -19.21
N TRP D 4 15.53 -15.61 -18.96
CA TRP D 4 15.66 -16.49 -17.81
C TRP D 4 15.41 -17.94 -18.25
N SER D 5 15.72 -18.87 -17.35
CA SER D 5 15.61 -20.31 -17.60
C SER D 5 14.98 -21.00 -16.41
N ASN D 6 13.99 -21.88 -16.65
CA ASN D 6 13.49 -22.78 -15.62
C ASN D 6 14.05 -24.19 -15.79
N LYS D 7 15.09 -24.32 -16.61
CA LYS D 7 15.59 -25.63 -17.04
C LYS D 7 16.33 -26.31 -15.89
N ASP D 8 16.66 -25.57 -14.84
CA ASP D 8 17.35 -26.11 -13.68
C ASP D 8 16.40 -26.08 -12.47
N GLY D 9 15.09 -25.99 -12.75
CA GLY D 9 14.07 -25.94 -11.72
C GLY D 9 13.91 -24.51 -11.24
N TYR D 10 13.32 -24.34 -10.04
CA TYR D 10 13.04 -23.01 -9.55
C TYR D 10 13.64 -22.84 -8.16
N PRO D 11 14.98 -22.82 -8.00
CA PRO D 11 15.60 -22.74 -6.67
C PRO D 11 15.25 -21.52 -5.80
N TRP D 12 14.84 -20.41 -6.44
CA TRP D 12 14.40 -19.22 -5.72
C TRP D 12 13.03 -19.42 -5.08
N SER D 13 12.26 -20.42 -5.54
CA SER D 13 10.93 -20.66 -4.98
C SER D 13 11.05 -21.54 -3.75
N LYS D 14 10.98 -20.97 -2.55
CA LYS D 14 11.22 -21.76 -1.36
C LYS D 14 10.00 -21.82 -0.46
N ILE D 15 10.07 -22.77 0.47
CA ILE D 15 9.13 -22.91 1.57
C ILE D 15 9.92 -22.77 2.87
N ILE D 16 9.50 -21.82 3.72
CA ILE D 16 10.23 -21.61 4.96
C ILE D 16 9.29 -21.82 6.15
N HIS D 17 9.92 -22.21 7.25
CA HIS D 17 9.38 -22.41 8.59
C HIS D 17 8.88 -21.08 9.17
N ALA D 18 7.66 -21.06 9.73
CA ALA D 18 7.09 -19.92 10.43
C ALA D 18 8.11 -19.15 11.27
N GLU D 19 9.02 -19.85 11.95
CA GLU D 19 9.99 -19.21 12.83
C GLU D 19 10.89 -18.31 12.00
N LYS D 20 11.25 -18.76 10.80
CA LYS D 20 12.19 -18.00 9.98
C LYS D 20 11.45 -16.81 9.37
N PHE D 21 10.18 -17.04 9.02
CA PHE D 21 9.33 -16.01 8.46
C PHE D 21 9.14 -14.88 9.48
N PHE D 22 8.56 -15.23 10.63
CA PHE D 22 8.24 -14.27 11.67
C PHE D 22 9.50 -13.52 12.08
N ASP D 23 10.62 -14.24 12.20
CA ASP D 23 11.88 -13.60 12.52
C ASP D 23 12.21 -12.53 11.47
N LYS D 24 11.82 -12.76 10.21
CA LYS D 24 12.22 -11.86 9.14
C LYS D 24 11.21 -10.72 8.92
N VAL D 25 9.91 -10.90 9.25
CA VAL D 25 8.95 -9.84 8.96
C VAL D 25 8.92 -8.77 10.06
N ILE D 26 9.16 -9.19 11.30
CA ILE D 26 9.08 -8.24 12.39
C ILE D 26 10.28 -7.30 12.27
N GLN D 27 10.04 -6.00 12.46
CA GLN D 27 11.09 -5.01 12.30
C GLN D 27 11.33 -4.29 13.61
N ASN D 28 12.55 -3.75 13.74
CA ASN D 28 12.81 -2.77 14.78
C ASN D 28 11.90 -1.56 14.59
N ASP D 29 11.64 -0.90 15.71
CA ASP D 29 10.96 0.37 15.72
C ASP D 29 11.89 1.45 15.19
N THR D 30 11.32 2.61 14.87
CA THR D 30 12.05 3.72 14.25
C THR D 30 12.03 4.88 15.23
N ARG D 31 13.20 5.44 15.53
CA ARG D 31 13.26 6.68 16.27
C ARG D 31 12.60 7.79 15.44
N PRO D 32 12.03 8.84 16.06
CA PRO D 32 11.55 9.99 15.29
C PRO D 32 12.69 10.60 14.49
N GLY D 33 12.37 11.08 13.28
CA GLY D 33 13.30 11.93 12.54
C GLY D 33 13.06 13.42 12.78
N LYS D 34 14.16 14.19 12.74
CA LYS D 34 14.11 15.64 12.68
C LYS D 34 15.14 16.13 11.66
N TRP D 35 14.73 17.04 10.79
CA TRP D 35 15.64 17.66 9.84
C TRP D 35 15.44 19.16 9.88
N GLU D 36 16.54 19.90 9.68
CA GLU D 36 16.52 21.34 9.69
C GLU D 36 16.82 21.88 8.29
N TRP D 37 15.98 22.83 7.87
CA TRP D 37 16.00 23.45 6.55
C TRP D 37 17.40 23.95 6.16
N ALA D 38 18.07 24.64 7.08
CA ALA D 38 19.44 25.07 6.80
C ALA D 38 20.25 23.92 6.19
N ASP D 39 20.18 22.72 6.80
CA ASP D 39 20.99 21.61 6.31
C ASP D 39 20.52 21.17 4.93
N VAL D 40 19.21 21.23 4.66
CA VAL D 40 18.68 20.83 3.37
C VAL D 40 19.26 21.77 2.31
N VAL D 41 19.13 23.07 2.59
CA VAL D 41 19.56 24.10 1.66
C VAL D 41 21.06 23.94 1.37
N SER D 42 21.84 23.62 2.42
CA SER D 42 23.27 23.46 2.31
C SER D 42 23.60 22.26 1.42
N GLY D 43 22.87 21.16 1.61
CA GLY D 43 22.98 20.04 0.71
C GLY D 43 22.83 20.46 -0.76
N LEU D 44 21.68 21.08 -1.08
CA LEU D 44 21.28 21.36 -2.45
C LEU D 44 22.28 22.30 -3.11
N ARG D 45 22.68 23.33 -2.35
CA ARG D 45 23.64 24.33 -2.81
C ARG D 45 24.98 23.66 -3.09
N ASP D 46 25.31 22.64 -2.29
CA ASP D 46 26.54 21.90 -2.45
C ASP D 46 26.62 21.28 -3.84
N LEU D 47 25.52 20.64 -4.28
CA LEU D 47 25.44 19.88 -5.53
C LEU D 47 25.97 20.67 -6.73
N ASP D 48 25.95 22.00 -6.65
CA ASP D 48 26.42 22.85 -7.73
C ASP D 48 27.94 22.95 -7.73
N LYS D 49 28.63 22.14 -6.91
CA LYS D 49 30.07 21.99 -7.01
C LYS D 49 30.39 21.01 -8.14
N ASP D 50 29.46 20.09 -8.42
CA ASP D 50 29.50 19.23 -9.60
C ASP D 50 29.21 20.10 -10.82
N PRO D 51 30.16 20.19 -11.78
CA PRO D 51 29.99 21.04 -12.96
C PRO D 51 28.92 20.52 -13.93
N ARG D 52 28.78 19.18 -14.00
CA ARG D 52 27.80 18.53 -14.85
C ARG D 52 26.46 18.45 -14.14
N MET D 53 26.23 19.38 -13.21
CA MET D 53 25.00 19.52 -12.45
C MET D 53 24.05 20.42 -13.24
N ASN D 54 22.77 20.05 -13.24
CA ASN D 54 21.74 20.89 -13.82
C ASN D 54 20.48 20.82 -12.95
N SER D 55 19.35 21.26 -13.50
CA SER D 55 18.14 21.43 -12.70
C SER D 55 17.42 20.10 -12.49
N GLU D 56 17.60 19.17 -13.44
CA GLU D 56 16.95 17.86 -13.42
C GLU D 56 17.54 16.95 -12.35
N ARG D 57 18.76 17.25 -11.87
CA ARG D 57 19.45 16.37 -10.94
C ARG D 57 19.78 17.08 -9.63
N ARG D 58 19.26 18.30 -9.44
CA ARG D 58 19.47 19.04 -8.21
C ARG D 58 18.37 18.69 -7.19
N TYR D 59 18.38 17.43 -6.75
CA TYR D 59 17.52 16.92 -5.69
C TYR D 59 18.38 16.15 -4.68
N VAL D 60 17.96 16.19 -3.42
CA VAL D 60 18.45 15.34 -2.34
C VAL D 60 17.26 14.65 -1.70
N ALA D 61 17.49 13.48 -1.07
CA ALA D 61 16.40 12.78 -0.41
C ALA D 61 16.53 12.96 1.10
N ILE D 62 15.36 13.12 1.75
CA ILE D 62 15.27 13.28 3.20
C ILE D 62 14.91 11.93 3.82
N VAL D 63 15.89 11.33 4.53
CA VAL D 63 15.72 9.94 4.92
C VAL D 63 15.79 9.78 6.43
N ASN D 64 14.95 8.87 6.92
CA ASN D 64 15.06 8.36 8.29
C ASN D 64 15.65 6.96 8.20
N GLU D 65 16.92 6.82 8.56
CA GLU D 65 17.62 5.59 8.26
C GLU D 65 17.09 4.39 9.06
N ASP D 66 16.44 4.66 10.21
CA ASP D 66 15.88 3.61 11.05
C ASP D 66 14.77 2.85 10.33
N VAL D 67 14.32 3.37 9.17
CA VAL D 67 13.06 2.91 8.61
C VAL D 67 13.25 1.66 7.75
N GLY D 68 14.51 1.30 7.46
CA GLY D 68 14.81 0.18 6.56
C GLY D 68 14.46 -1.17 7.18
N LEU D 69 14.35 -2.20 6.33
CA LEU D 69 14.06 -3.56 6.74
C LEU D 69 15.37 -4.21 7.20
N GLY D 70 15.28 -5.02 8.26
CA GLY D 70 16.49 -5.55 8.89
C GLY D 70 17.19 -4.43 9.65
N GLU D 71 18.52 -4.46 9.67
CA GLU D 71 19.28 -3.35 10.22
C GLU D 71 19.84 -2.50 9.08
N THR D 72 19.15 -2.52 7.93
CA THR D 72 19.47 -1.78 6.72
C THR D 72 19.15 -0.29 6.87
N LYS D 73 20.03 0.54 6.30
CA LYS D 73 19.84 1.98 6.15
C LYS D 73 18.69 2.19 5.17
N GLY D 74 17.55 2.68 5.67
CA GLY D 74 16.36 2.91 4.84
C GLY D 74 16.41 4.26 4.11
N ILE D 75 15.43 4.50 3.23
CA ILE D 75 15.47 5.68 2.37
C ILE D 75 14.11 6.37 2.33
N GLY D 76 13.13 5.84 3.08
CA GLY D 76 11.90 6.56 3.33
C GLY D 76 12.11 7.58 4.45
N ILE D 77 11.19 8.57 4.52
CA ILE D 77 11.23 9.51 5.62
C ILE D 77 10.42 8.91 6.77
N THR D 78 9.36 8.19 6.42
CA THR D 78 8.72 7.22 7.28
C THR D 78 8.82 5.89 6.51
N PRO D 79 8.42 4.73 7.05
CA PRO D 79 8.45 3.49 6.27
C PRO D 79 7.74 3.56 4.91
N GLY D 80 6.60 4.30 4.87
CA GLY D 80 5.73 4.29 3.70
C GLY D 80 5.66 5.64 2.97
N LEU D 81 6.36 6.67 3.45
CA LEU D 81 6.39 7.98 2.79
C LEU D 81 7.82 8.32 2.37
N PHE D 82 7.95 9.02 1.25
CA PHE D 82 9.25 9.39 0.72
C PHE D 82 9.25 10.87 0.39
N CYS D 83 10.40 11.52 0.63
CA CYS D 83 10.48 12.97 0.63
C CYS D 83 11.81 13.42 0.06
N GLY D 84 11.73 14.33 -0.91
CA GLY D 84 12.90 14.95 -1.50
C GLY D 84 12.74 16.47 -1.55
N CYS D 85 13.85 17.17 -1.74
CA CYS D 85 13.81 18.60 -1.90
C CYS D 85 14.67 18.98 -3.10
N GLN D 86 14.23 20.01 -3.84
CA GLN D 86 14.87 20.33 -5.10
C GLN D 86 15.05 21.83 -5.25
N LEU D 87 16.18 22.23 -5.85
CA LEU D 87 16.56 23.62 -6.11
C LEU D 87 16.56 23.88 -7.62
N ILE D 88 15.82 24.91 -8.05
CA ILE D 88 15.84 25.36 -9.43
C ILE D 88 16.22 26.83 -9.43
N HIS D 89 17.31 27.14 -10.16
CA HIS D 89 17.73 28.52 -10.36
C HIS D 89 16.74 29.22 -11.29
N PRO D 90 16.55 30.55 -11.20
CA PRO D 90 15.64 31.22 -12.13
C PRO D 90 16.19 31.07 -13.55
N GLY D 91 15.28 30.80 -14.50
CA GLY D 91 15.67 30.60 -15.90
C GLY D 91 16.09 29.16 -16.23
N GLU D 92 16.09 28.27 -15.23
CA GLU D 92 16.27 26.85 -15.43
C GLU D 92 14.92 26.19 -15.66
N GLU D 93 14.96 25.03 -16.33
CA GLU D 93 13.79 24.27 -16.71
C GLU D 93 13.98 22.80 -16.37
N VAL D 94 12.92 22.19 -15.85
CA VAL D 94 12.74 20.75 -15.83
C VAL D 94 11.76 20.42 -16.96
N THR D 95 12.28 19.79 -18.01
CA THR D 95 11.50 19.61 -19.23
C THR D 95 10.47 18.51 -19.05
N SER D 96 9.45 18.51 -19.92
CA SER D 96 8.33 17.59 -19.86
C SER D 96 8.76 16.14 -19.57
N HIS D 97 8.10 15.52 -18.60
CA HIS D 97 8.26 14.09 -18.38
C HIS D 97 7.00 13.54 -17.71
N ARG D 98 6.93 12.22 -17.63
CA ARG D 98 5.86 11.58 -16.86
C ARG D 98 6.39 10.31 -16.21
N HIS D 99 5.74 9.92 -15.12
CA HIS D 99 6.03 8.73 -14.36
C HIS D 99 4.74 8.38 -13.64
N ASN D 100 4.53 7.10 -13.34
CA ASN D 100 3.26 6.68 -12.76
C ASN D 100 3.24 6.91 -11.24
N SER D 101 4.41 7.24 -10.67
CA SER D 101 4.50 7.81 -9.32
C SER D 101 3.93 9.23 -9.32
N VAL D 102 3.18 9.56 -8.26
CA VAL D 102 2.63 10.90 -8.09
C VAL D 102 3.66 11.77 -7.38
N ALA D 103 3.44 13.09 -7.41
CA ALA D 103 4.31 14.07 -6.77
C ALA D 103 3.47 15.18 -6.14
N LEU D 104 3.83 15.56 -4.91
CA LEU D 104 3.14 16.57 -4.12
C LEU D 104 4.16 17.64 -3.78
N TYR D 105 3.89 18.83 -4.30
CA TYR D 105 4.88 19.89 -4.30
C TYR D 105 4.45 20.98 -3.32
N PHE D 106 5.39 21.35 -2.44
CA PHE D 106 5.18 22.48 -1.55
C PHE D 106 6.29 23.50 -1.81
N ILE D 107 5.91 24.72 -2.22
CA ILE D 107 6.95 25.66 -2.58
C ILE D 107 7.47 26.31 -1.31
N VAL D 108 8.73 26.06 -0.99
CA VAL D 108 9.26 26.67 0.22
C VAL D 108 9.76 28.07 -0.12
N GLU D 109 10.55 28.21 -1.20
CA GLU D 109 10.96 29.50 -1.72
C GLU D 109 10.84 29.50 -3.25
N GLY D 110 10.89 30.71 -3.82
CA GLY D 110 11.02 30.92 -5.26
C GLY D 110 9.69 31.20 -5.93
N THR D 111 9.77 31.49 -7.23
CA THR D 111 8.61 31.74 -8.08
C THR D 111 8.83 31.04 -9.41
N GLY D 112 7.73 30.78 -10.15
CA GLY D 112 7.88 30.24 -11.49
C GLY D 112 6.56 29.79 -12.09
N GLU D 113 6.67 28.92 -13.09
CA GLU D 113 5.52 28.33 -13.78
C GLU D 113 5.59 26.81 -13.64
N LEU D 114 4.42 26.19 -13.48
CA LEU D 114 4.31 24.74 -13.53
C LEU D 114 3.36 24.36 -14.66
N GLU D 115 3.81 23.51 -15.57
CA GLU D 115 2.92 23.07 -16.62
C GLU D 115 2.59 21.60 -16.45
N VAL D 116 1.27 21.32 -16.50
CA VAL D 116 0.75 19.97 -16.41
C VAL D 116 -0.34 19.80 -17.46
N GLU D 117 -0.01 18.97 -18.46
CA GLU D 117 -0.92 18.57 -19.51
C GLU D 117 -1.48 19.80 -20.24
N GLY D 118 -0.59 20.73 -20.58
CA GLY D 118 -0.95 21.88 -21.40
C GLY D 118 -1.35 23.14 -20.64
N GLU D 119 -1.59 23.07 -19.33
CA GLU D 119 -2.01 24.23 -18.57
C GLU D 119 -0.84 24.76 -17.73
N VAL D 120 -0.68 26.09 -17.72
CA VAL D 120 0.36 26.71 -16.93
C VAL D 120 -0.24 27.24 -15.62
N TYR D 121 0.56 27.19 -14.55
CA TYR D 121 0.26 27.89 -13.32
C TYR D 121 1.54 28.57 -12.81
N SER D 122 1.36 29.81 -12.34
CA SER D 122 2.46 30.62 -11.84
C SER D 122 2.49 30.46 -10.34
N TYR D 123 3.62 29.98 -9.81
CA TYR D 123 3.65 29.57 -8.42
C TYR D 123 4.44 30.59 -7.62
N LYS D 124 4.16 30.63 -6.31
CA LYS D 124 4.82 31.49 -5.35
C LYS D 124 4.96 30.74 -4.02
N PRO D 125 5.76 31.23 -3.06
CA PRO D 125 6.04 30.47 -1.84
C PRO D 125 4.77 29.98 -1.12
N PHE D 126 4.84 28.73 -0.62
CA PHE D 126 3.81 28.09 0.18
C PHE D 126 2.58 27.73 -0.66
N ASP D 127 2.76 27.74 -1.99
CA ASP D 127 1.78 27.13 -2.86
C ASP D 127 1.96 25.61 -2.71
N ILE D 128 0.84 24.88 -2.87
CA ILE D 128 0.81 23.44 -2.88
C ILE D 128 0.21 22.98 -4.21
N MET D 129 0.91 22.06 -4.89
CA MET D 129 0.51 21.62 -6.22
C MET D 129 0.81 20.13 -6.42
N THR D 130 -0.12 19.38 -7.03
CA THR D 130 0.16 18.00 -7.44
C THR D 130 0.34 17.85 -8.95
N CYS D 131 1.21 16.90 -9.35
CA CYS D 131 1.36 16.34 -10.67
C CYS D 131 0.84 14.90 -10.66
N PRO D 132 -0.43 14.67 -11.01
CA PRO D 132 -1.00 13.32 -11.00
C PRO D 132 -0.16 12.27 -11.72
N ALA D 133 -0.32 11.02 -11.29
CA ALA D 133 0.29 9.85 -11.91
C ALA D 133 0.15 9.94 -13.43
N TRP D 134 1.31 9.96 -14.11
CA TRP D 134 1.40 9.81 -15.55
C TRP D 134 1.03 11.10 -16.31
N SER D 135 0.86 12.21 -15.60
CA SER D 135 0.59 13.50 -16.22
C SER D 135 1.91 14.17 -16.61
N TYR D 136 2.00 14.66 -17.85
CA TYR D 136 3.16 15.42 -18.30
C TYR D 136 3.26 16.69 -17.47
N HIS D 137 4.47 16.95 -16.93
CA HIS D 137 4.67 18.13 -16.12
C HIS D 137 6.08 18.66 -16.36
N ALA D 138 6.21 19.99 -16.27
CA ALA D 138 7.47 20.67 -16.51
C ALA D 138 7.54 21.93 -15.63
N TRP D 139 8.77 22.37 -15.35
CA TRP D 139 9.02 23.50 -14.48
C TRP D 139 9.91 24.55 -15.15
N ARG D 140 9.68 25.82 -14.77
CA ARG D 140 10.55 26.94 -15.07
C ARG D 140 10.50 27.90 -13.88
N ALA D 141 11.66 28.09 -13.25
CA ALA D 141 11.87 29.07 -12.18
C ALA D 141 12.04 30.45 -12.79
N THR D 142 11.32 31.43 -12.19
CA THR D 142 11.40 32.84 -12.54
C THR D 142 11.91 33.63 -11.33
N GLY D 143 11.99 34.96 -11.46
CA GLY D 143 12.26 35.84 -10.33
C GLY D 143 13.75 35.93 -10.03
N ASP D 144 14.08 36.41 -8.82
CA ASP D 144 15.47 36.71 -8.46
C ASP D 144 15.97 35.76 -7.39
N LYS D 145 15.13 34.78 -7.02
CA LYS D 145 15.48 33.83 -5.99
C LYS D 145 15.28 32.39 -6.49
N ASP D 146 16.13 31.48 -5.98
CA ASP D 146 16.04 30.05 -6.27
C ASP D 146 14.68 29.52 -5.84
N THR D 147 14.14 28.59 -6.64
CA THR D 147 12.99 27.82 -6.20
C THR D 147 13.49 26.63 -5.38
N LEU D 148 13.00 26.53 -4.14
CA LEU D 148 13.23 25.37 -3.29
C LEU D 148 11.88 24.78 -2.92
N MET D 149 11.72 23.49 -3.28
CA MET D 149 10.47 22.76 -3.11
C MET D 149 10.66 21.54 -2.20
N TYR D 150 9.60 21.23 -1.46
CA TYR D 150 9.54 20.13 -0.51
C TYR D 150 8.53 19.13 -1.08
N VAL D 151 9.02 17.95 -1.43
CA VAL D 151 8.29 17.11 -2.35
C VAL D 151 8.01 15.76 -1.69
N ILE D 152 6.74 15.35 -1.71
CA ILE D 152 6.39 14.02 -1.23
C ILE D 152 5.96 13.22 -2.46
N HIS D 153 6.35 11.93 -2.49
CA HIS D 153 6.14 11.05 -3.63
C HIS D 153 6.10 9.59 -3.17
N ASP D 154 5.65 8.71 -4.07
CA ASP D 154 5.47 7.29 -3.82
C ASP D 154 6.24 6.48 -4.87
N MET D 155 7.22 7.13 -5.50
CA MET D 155 8.10 6.51 -6.46
C MET D 155 8.66 5.21 -5.90
N ALA D 156 9.06 5.23 -4.63
CA ALA D 156 9.73 4.09 -4.03
C ALA D 156 8.73 2.96 -3.78
N LEU D 157 7.49 3.30 -3.41
CA LEU D 157 6.43 2.30 -3.29
C LEU D 157 6.39 1.48 -4.56
N LEU D 158 6.28 2.18 -5.69
CA LEU D 158 6.14 1.57 -6.99
C LEU D 158 7.41 0.83 -7.39
N ALA D 159 8.57 1.41 -7.07
CA ALA D 159 9.84 0.78 -7.42
C ALA D 159 9.93 -0.62 -6.82
N TYR D 160 9.52 -0.75 -5.56
CA TYR D 160 9.60 -1.98 -4.79
C TYR D 160 8.64 -3.05 -5.34
N MET D 161 7.44 -2.62 -5.80
CA MET D 161 6.46 -3.51 -6.38
C MET D 161 6.87 -3.87 -7.79
N ARG D 162 7.93 -3.22 -8.29
CA ARG D 162 8.38 -3.30 -9.67
C ARG D 162 7.24 -2.88 -10.60
N ALA D 163 6.50 -1.83 -10.22
CA ALA D 163 5.40 -1.39 -11.08
C ALA D 163 5.57 0.07 -11.52
N LEU D 164 6.80 0.59 -11.38
CA LEU D 164 7.10 1.99 -11.69
C LEU D 164 7.45 2.13 -13.18
N PHE D 165 6.78 3.09 -13.83
CA PHE D 165 7.10 3.49 -15.20
C PHE D 165 7.54 4.95 -15.25
N TRP D 166 8.47 5.25 -16.15
CA TRP D 166 9.07 6.56 -16.25
C TRP D 166 9.33 6.88 -17.72
N GLU D 167 8.91 8.06 -18.16
CA GLU D 167 9.14 8.48 -19.53
C GLU D 167 9.80 9.85 -19.51
N GLU D 168 11.13 9.83 -19.72
CA GLU D 168 11.95 11.04 -19.77
C GLU D 168 13.05 10.82 -20.80
N PRO D 169 13.26 11.70 -21.81
CA PRO D 169 12.32 12.78 -22.13
C PRO D 169 10.98 12.28 -22.65
N LYS D 170 10.09 13.23 -22.97
CA LYS D 170 8.76 12.98 -23.52
C LYS D 170 8.90 12.11 -24.76
N GLY D 171 7.85 11.33 -25.06
CA GLY D 171 7.85 10.39 -26.17
C GLY D 171 7.81 8.93 -25.71
N SER D 172 6.85 8.19 -26.24
CA SER D 172 6.61 6.79 -25.88
C SER D 172 7.87 5.93 -25.97
N GLU D 173 8.69 6.12 -26.99
CA GLU D 173 9.91 5.35 -27.14
C GLU D 173 10.75 5.39 -25.84
N ASN D 174 10.52 6.39 -24.97
CA ASN D 174 11.35 6.56 -23.79
C ASN D 174 10.70 6.01 -22.51
N ILE D 175 9.58 5.30 -22.62
CA ILE D 175 9.01 4.65 -21.46
C ILE D 175 9.92 3.52 -20.99
N ARG D 176 10.11 3.43 -19.67
CA ARG D 176 10.86 2.35 -19.06
C ARG D 176 10.04 1.79 -17.91
N HIS D 177 10.02 0.46 -17.84
CA HIS D 177 9.79 -0.29 -16.63
C HIS D 177 11.05 -0.15 -15.80
N MET D 178 10.90 0.42 -14.61
CA MET D 178 12.01 0.85 -13.77
C MET D 178 12.43 -0.30 -12.85
N VAL D 179 13.29 -1.17 -13.40
CA VAL D 179 13.94 -2.25 -12.67
C VAL D 179 15.43 -2.26 -13.06
N LYS D 180 16.30 -2.72 -12.15
CA LYS D 180 17.73 -2.75 -12.40
C LYS D 180 17.95 -3.61 -13.63
N GLY D 181 18.60 -3.03 -14.65
CA GLY D 181 18.48 -3.49 -16.02
C GLY D 181 17.90 -2.41 -16.94
N SER D 182 16.55 -2.29 -16.96
CA SER D 182 15.80 -1.54 -17.95
C SER D 182 15.84 -0.02 -17.71
N THR D 183 17.02 0.58 -17.95
CA THR D 183 17.24 2.01 -17.81
C THR D 183 16.62 2.49 -16.48
FE FE E . -2.51 -11.67 -16.98
FE FE F . -5.30 -15.50 12.94
FE FE G . -0.97 12.66 16.62
FE FE H . 8.39 14.57 -12.34
#